data_5KEW
#
_entry.id   5KEW
#
_cell.length_a   55.385
_cell.length_b   71.276
_cell.length_c   203.726
_cell.angle_alpha   90.000
_cell.angle_beta   90.000
_cell.angle_gamma   90.000
#
_symmetry.space_group_name_H-M   'P 21 21 21'
#
loop_
_entity.id
_entity.type
_entity.pdbx_description
1 polymer 'VtrA Protein'
2 polymer 'VtrC Protein'
3 non-polymer Taurodeoxycholate
4 non-polymer 'ACETATE ION'
5 non-polymer 1,2-ETHANEDIOL
6 non-polymer 'SULFATE ION'
7 water water
#
loop_
_entity_poly.entity_id
_entity_poly.type
_entity_poly.pdbx_seq_one_letter_code
_entity_poly.pdbx_strand_id
1 'polypeptide(L)'
;MTAKDDYPSLSFQQDYVYIFSSDFQLSEELGVALINALSAKEIVPERLYVMLNDKTISFSFISKNKKSKNRVLSTEKKLN
YKHISEYIVNEIEY
;
A,C,E
2 'polypeptide(L)'
;MGSSHHHHHHSQDPVHFYETSYKYQAADSTYMHDVAINVSIKGNHFTSDIIIRELVKSENKNYYNVIGHGDIIQKNTHQY
YLNFDNIDVYTGTNKANMKPYKEPTSISSLINKSNNIRVVYLSEEYVVVEFFFYDGQIITLHRY
;
B,D,F
#
# COMPACT_ATOMS: atom_id res chain seq x y z
N ASP A 6 -1.92 -2.96 10.81
CA ASP A 6 -1.08 -4.14 10.89
C ASP A 6 -1.51 -5.05 12.03
N TYR A 7 -2.64 -4.72 12.66
CA TYR A 7 -3.12 -5.45 13.82
C TYR A 7 -4.53 -5.97 13.58
N PRO A 8 -4.89 -7.12 14.15
CA PRO A 8 -6.27 -7.61 13.99
C PRO A 8 -7.27 -6.62 14.55
N SER A 9 -8.47 -6.64 13.98
CA SER A 9 -9.53 -5.75 14.43
C SER A 9 -10.29 -6.38 15.60
N LEU A 10 -11.01 -5.53 16.32
CA LEU A 10 -11.85 -5.98 17.42
C LEU A 10 -12.93 -6.92 16.89
N SER A 11 -12.86 -8.19 17.26
CA SER A 11 -13.79 -9.19 16.77
C SER A 11 -14.76 -9.69 17.83
N PHE A 12 -14.49 -9.45 19.11
CA PHE A 12 -15.41 -9.85 20.17
C PHE A 12 -15.30 -8.85 21.31
N GLN A 13 -16.44 -8.34 21.75
CA GLN A 13 -16.49 -7.40 22.86
C GLN A 13 -17.74 -7.72 23.68
N GLN A 14 -17.53 -8.16 24.92
CA GLN A 14 -18.63 -8.45 25.83
C GLN A 14 -18.18 -8.12 27.24
N ASP A 15 -19.02 -7.39 27.98
CA ASP A 15 -18.69 -7.00 29.34
C ASP A 15 -17.34 -6.29 29.37
N TYR A 16 -16.36 -6.87 30.06
CA TYR A 16 -15.04 -6.28 30.22
C TYR A 16 -14.01 -6.82 29.23
N VAL A 17 -14.41 -7.73 28.34
CA VAL A 17 -13.49 -8.45 27.48
C VAL A 17 -13.45 -7.79 26.11
N TYR A 18 -12.24 -7.56 25.60
CA TYR A 18 -12.00 -7.06 24.26
C TYR A 18 -11.00 -7.97 23.60
N ILE A 19 -11.40 -8.66 22.52
CA ILE A 19 -10.52 -9.60 21.85
C ILE A 19 -10.27 -9.10 20.44
N PHE A 20 -9.00 -8.99 20.08
CA PHE A 20 -8.56 -8.54 18.77
C PHE A 20 -8.00 -9.76 18.03
N SER A 21 -8.72 -10.20 17.01
CA SER A 21 -8.37 -11.41 16.29
C SER A 21 -9.12 -11.42 14.96
N SER A 22 -8.48 -12.00 13.94
CA SER A 22 -9.12 -12.20 12.65
C SER A 22 -10.05 -13.41 12.64
N ASP A 23 -10.10 -14.19 13.72
CA ASP A 23 -10.85 -15.44 13.79
C ASP A 23 -12.04 -15.23 14.72
N PHE A 24 -13.22 -15.11 14.13
CA PHE A 24 -14.43 -14.81 14.91
C PHE A 24 -14.79 -15.97 15.83
N GLN A 25 -14.84 -17.20 15.30
CA GLN A 25 -15.17 -18.35 16.13
C GLN A 25 -14.25 -18.43 17.34
N LEU A 26 -12.94 -18.37 17.10
CA LEU A 26 -11.98 -18.41 18.20
C LEU A 26 -12.21 -17.25 19.16
N SER A 27 -12.45 -16.05 18.64
CA SER A 27 -12.65 -14.89 19.48
C SER A 27 -13.82 -15.08 20.45
N GLU A 28 -14.99 -15.48 19.92
CA GLU A 28 -16.15 -15.61 20.78
C GLU A 28 -16.00 -16.77 21.75
N GLU A 29 -15.48 -17.91 21.28
CA GLU A 29 -15.26 -19.04 22.17
C GLU A 29 -14.33 -18.67 23.31
N LEU A 30 -13.21 -18.02 22.99
CA LEU A 30 -12.27 -17.59 24.02
C LEU A 30 -12.90 -16.57 24.95
N GLY A 31 -13.63 -15.60 24.39
CA GLY A 31 -14.22 -14.56 25.22
C GLY A 31 -15.21 -15.09 26.23
N VAL A 32 -16.06 -16.03 25.81
CA VAL A 32 -17.03 -16.60 26.73
C VAL A 32 -16.33 -17.48 27.76
N ALA A 33 -15.34 -18.27 27.33
CA ALA A 33 -14.60 -19.08 28.29
C ALA A 33 -13.94 -18.22 29.35
N LEU A 34 -13.41 -17.05 28.95
CA LEU A 34 -12.76 -16.17 29.92
C LEU A 34 -13.77 -15.64 30.94
N ILE A 35 -14.92 -15.17 30.48
CA ILE A 35 -15.92 -14.61 31.39
C ILE A 35 -16.43 -15.69 32.34
N ASN A 36 -16.67 -16.90 31.82
CA ASN A 36 -17.14 -17.98 32.68
C ASN A 36 -16.13 -18.32 33.77
N ALA A 37 -14.87 -18.51 33.37
CA ALA A 37 -13.86 -18.98 34.33
C ALA A 37 -13.54 -17.91 35.37
N LEU A 38 -13.47 -16.63 34.95
CA LEU A 38 -13.13 -15.57 35.89
C LEU A 38 -14.28 -15.31 36.86
N SER A 39 -15.51 -15.26 36.37
CA SER A 39 -16.65 -15.05 37.26
C SER A 39 -16.75 -16.18 38.29
N ALA A 40 -16.48 -17.42 37.88
CA ALA A 40 -16.56 -18.54 38.81
C ALA A 40 -15.57 -18.39 39.95
N LYS A 41 -14.41 -17.77 39.70
CA LYS A 41 -13.44 -17.48 40.74
C LYS A 41 -13.66 -16.11 41.37
N GLU A 42 -14.79 -15.47 41.09
CA GLU A 42 -15.13 -14.17 41.67
C GLU A 42 -14.13 -13.08 41.26
N ILE A 43 -13.53 -13.22 40.08
CA ILE A 43 -12.63 -12.22 39.53
C ILE A 43 -13.40 -11.43 38.48
N VAL A 44 -13.53 -10.13 38.70
CA VAL A 44 -14.20 -9.24 37.76
C VAL A 44 -13.23 -8.12 37.40
N PRO A 45 -12.55 -8.23 36.25
CA PRO A 45 -11.64 -7.15 35.84
C PRO A 45 -12.41 -5.88 35.50
N GLU A 46 -11.70 -4.75 35.58
CA GLU A 46 -12.21 -3.54 34.98
C GLU A 46 -12.25 -3.68 33.46
N ARG A 47 -11.17 -4.19 32.88
CA ARG A 47 -11.12 -4.50 31.45
C ARG A 47 -10.09 -5.60 31.24
N LEU A 48 -10.31 -6.38 30.18
CA LEU A 48 -9.38 -7.45 29.81
C LEU A 48 -9.22 -7.43 28.29
N TYR A 49 -8.04 -7.05 27.82
CA TYR A 49 -7.74 -6.96 26.41
C TYR A 49 -6.90 -8.17 25.98
N VAL A 50 -7.25 -8.74 24.82
CA VAL A 50 -6.56 -9.91 24.31
C VAL A 50 -6.31 -9.72 22.82
N MET A 51 -5.10 -10.04 22.38
CA MET A 51 -4.72 -9.98 20.97
C MET A 51 -4.20 -11.34 20.54
N LEU A 52 -4.82 -11.90 19.51
CA LEU A 52 -4.43 -13.19 18.95
C LEU A 52 -3.80 -12.96 17.59
N ASN A 53 -2.49 -13.18 17.50
CA ASN A 53 -1.78 -13.21 16.23
C ASN A 53 -1.53 -14.65 15.82
N ASP A 54 -0.86 -14.82 14.68
CA ASP A 54 -0.53 -16.17 14.21
C ASP A 54 0.36 -16.89 15.21
N LYS A 55 1.48 -16.26 15.58
CA LYS A 55 2.48 -16.90 16.43
C LYS A 55 2.55 -16.30 17.84
N THR A 56 1.73 -15.30 18.15
CA THR A 56 1.83 -14.61 19.42
C THR A 56 0.46 -14.32 20.00
N ILE A 57 0.34 -14.53 21.31
CA ILE A 57 -0.83 -14.14 22.09
C ILE A 57 -0.38 -13.14 23.15
N SER A 58 -1.17 -12.09 23.36
CA SER A 58 -0.88 -11.12 24.41
C SER A 58 -2.20 -10.69 25.05
N PHE A 59 -2.13 -10.27 26.30
CA PHE A 59 -3.32 -9.76 26.98
C PHE A 59 -2.90 -8.75 28.03
N SER A 60 -3.82 -7.83 28.31
CA SER A 60 -3.67 -6.84 29.37
C SER A 60 -4.86 -6.96 30.31
N PHE A 61 -4.59 -7.24 31.58
CA PHE A 61 -5.61 -7.33 32.62
C PHE A 61 -5.56 -6.08 33.48
N ILE A 62 -6.66 -5.32 33.48
CA ILE A 62 -6.77 -4.09 34.25
C ILE A 62 -7.67 -4.37 35.44
N SER A 63 -7.10 -4.32 36.64
CA SER A 63 -7.81 -4.69 37.85
C SER A 63 -8.75 -3.57 38.30
N LYS A 64 -9.52 -3.87 39.35
CA LYS A 64 -10.45 -2.89 39.89
C LYS A 64 -9.73 -1.61 40.30
N ASN A 65 -8.48 -1.70 40.72
CA ASN A 65 -7.72 -0.55 41.22
C ASN A 65 -6.92 0.14 40.12
N LYS A 66 -7.26 -0.08 38.85
CA LYS A 66 -6.62 0.55 37.70
C LYS A 66 -5.17 0.14 37.54
N LYS A 67 -4.70 -0.88 38.27
CA LYS A 67 -3.41 -1.48 38.04
C LYS A 67 -3.51 -2.56 36.96
N SER A 68 -2.42 -2.77 36.24
CA SER A 68 -2.43 -3.59 35.05
C SER A 68 -1.45 -4.75 35.15
N LYS A 69 -1.81 -5.86 34.50
CA LYS A 69 -0.93 -7.02 34.36
C LYS A 69 -0.89 -7.38 32.87
N ASN A 70 0.31 -7.39 32.30
CA ASN A 70 0.49 -7.56 30.86
C ASN A 70 1.36 -8.77 30.58
N ARG A 71 0.97 -9.56 29.59
CA ARG A 71 1.65 -10.81 29.28
C ARG A 71 1.70 -11.02 27.77
N VAL A 72 2.73 -11.73 27.33
CA VAL A 72 2.88 -12.18 25.95
C VAL A 72 3.24 -13.66 25.96
N LEU A 73 2.60 -14.43 25.08
CA LEU A 73 2.88 -15.84 24.94
C LEU A 73 3.07 -16.16 23.47
N SER A 74 4.26 -16.62 23.11
CA SER A 74 4.55 -17.05 21.75
C SER A 74 4.37 -18.55 21.63
N THR A 75 3.79 -18.99 20.52
CA THR A 75 3.55 -20.40 20.28
C THR A 75 3.74 -20.70 18.81
N GLU A 76 4.44 -21.81 18.53
CA GLU A 76 4.71 -22.19 17.15
C GLU A 76 3.50 -22.82 16.48
N LYS A 77 2.65 -23.50 17.26
CA LYS A 77 1.41 -24.07 16.74
C LYS A 77 0.23 -23.41 17.44
N LYS A 78 -0.87 -23.24 16.70
CA LYS A 78 -2.05 -22.59 17.27
C LYS A 78 -2.63 -23.42 18.41
N LEU A 79 -3.15 -22.72 19.41
CA LEU A 79 -3.77 -23.33 20.57
C LEU A 79 -5.28 -23.14 20.49
N ASN A 80 -6.01 -24.10 21.06
CA ASN A 80 -7.46 -23.98 21.09
C ASN A 80 -7.88 -23.01 22.18
N TYR A 81 -9.13 -22.56 22.10
CA TYR A 81 -9.61 -21.52 23.01
C TYR A 81 -9.53 -21.97 24.46
N LYS A 82 -9.69 -23.27 24.71
CA LYS A 82 -9.68 -23.76 26.08
C LYS A 82 -8.30 -23.58 26.71
N HIS A 83 -7.25 -23.92 25.97
CA HIS A 83 -5.89 -23.76 26.50
C HIS A 83 -5.55 -22.29 26.67
N ILE A 84 -5.91 -21.45 25.69
CA ILE A 84 -5.63 -20.02 25.82
C ILE A 84 -6.36 -19.44 27.02
N SER A 85 -7.63 -19.80 27.19
CA SER A 85 -8.40 -19.31 28.33
C SER A 85 -7.74 -19.72 29.65
N GLU A 86 -7.36 -21.00 29.75
CA GLU A 86 -6.77 -21.49 30.99
C GLU A 86 -5.45 -20.80 31.30
N TYR A 87 -4.64 -20.55 30.27
CA TYR A 87 -3.38 -19.82 30.44
C TYR A 87 -3.64 -18.42 30.97
N ILE A 88 -4.52 -17.67 30.30
CA ILE A 88 -4.80 -16.29 30.71
C ILE A 88 -5.33 -16.26 32.14
N VAL A 89 -6.29 -17.13 32.46
CA VAL A 89 -6.89 -17.11 33.78
C VAL A 89 -5.85 -17.43 34.85
N ASN A 90 -4.96 -18.37 34.56
CA ASN A 90 -3.95 -18.74 35.55
C ASN A 90 -2.98 -17.59 35.79
N GLU A 91 -2.57 -16.89 34.73
CA GLU A 91 -1.69 -15.73 34.89
C GLU A 91 -2.37 -14.64 35.71
N ILE A 92 -3.67 -14.40 35.46
CA ILE A 92 -4.41 -13.42 36.24
C ILE A 92 -4.55 -13.88 37.69
N GLU A 93 -4.87 -15.16 37.88
CA GLU A 93 -5.14 -15.69 39.22
C GLU A 93 -3.92 -15.54 40.12
N TYR A 94 -2.75 -15.89 39.60
CA TYR A 94 -1.53 -15.89 40.40
C TYR A 94 -0.62 -14.72 40.03
N ASP B 13 5.29 23.52 26.26
CA ASP B 13 4.96 22.13 25.94
C ASP B 13 5.19 21.23 27.16
N PRO B 14 4.14 20.59 27.67
CA PRO B 14 4.30 19.69 28.81
C PRO B 14 4.84 18.34 28.38
N VAL B 15 5.46 17.66 29.34
CA VAL B 15 5.95 16.30 29.16
C VAL B 15 4.93 15.35 29.75
N HIS B 16 4.62 14.29 29.02
CA HIS B 16 3.74 13.22 29.48
C HIS B 16 4.52 11.91 29.52
N PHE B 17 4.36 11.17 30.61
CA PHE B 17 5.09 9.93 30.83
C PHE B 17 4.16 8.73 30.77
N TYR B 18 4.64 7.64 30.21
CA TYR B 18 3.89 6.40 30.11
C TYR B 18 4.79 5.26 30.57
N GLU B 19 4.28 4.45 31.50
CA GLU B 19 5.05 3.37 32.09
C GLU B 19 4.23 2.09 32.12
N THR B 20 4.88 0.97 31.81
CA THR B 20 4.25 -0.34 31.90
C THR B 20 5.32 -1.38 32.08
N SER B 21 4.88 -2.59 32.41
CA SER B 21 5.74 -3.76 32.46
C SER B 21 4.97 -4.95 31.92
N TYR B 22 5.70 -5.94 31.43
CA TYR B 22 5.06 -7.16 30.94
C TYR B 22 6.06 -8.30 31.04
N LYS B 23 5.53 -9.52 31.04
CA LYS B 23 6.33 -10.73 31.02
C LYS B 23 6.05 -11.48 29.73
N TYR B 24 7.12 -11.94 29.07
CA TYR B 24 7.03 -12.71 27.85
C TYR B 24 7.42 -14.15 28.16
N GLN B 25 6.56 -15.09 27.74
CA GLN B 25 6.85 -16.51 27.83
C GLN B 25 6.68 -17.13 26.46
N ALA B 26 7.34 -18.27 26.27
CA ALA B 26 7.25 -19.02 25.02
C ALA B 26 6.65 -20.39 25.31
N ALA B 27 5.63 -20.76 24.53
CA ALA B 27 4.97 -22.04 24.76
C ALA B 27 5.83 -23.23 24.37
N ASP B 28 6.87 -23.01 23.56
CA ASP B 28 7.67 -24.10 23.00
C ASP B 28 9.11 -24.09 23.53
N SER B 29 9.39 -23.36 24.59
CA SER B 29 10.74 -23.31 25.14
C SER B 29 10.68 -22.61 26.50
N THR B 30 11.85 -22.44 27.10
CA THR B 30 11.98 -21.81 28.41
C THR B 30 12.40 -20.34 28.32
N TYR B 31 12.45 -19.76 27.12
CA TYR B 31 12.80 -18.36 26.97
C TYR B 31 11.74 -17.48 27.65
N MET B 32 12.22 -16.52 28.43
CA MET B 32 11.35 -15.55 29.11
C MET B 32 12.01 -14.19 29.12
N HIS B 33 11.19 -13.15 28.93
CA HIS B 33 11.62 -11.76 29.12
C HIS B 33 10.75 -11.12 30.19
N ASP B 34 11.39 -10.35 31.07
CA ASP B 34 10.70 -9.42 31.97
C ASP B 34 11.10 -8.02 31.53
N VAL B 35 10.11 -7.21 31.16
CA VAL B 35 10.35 -5.98 30.43
C VAL B 35 9.63 -4.83 31.13
N ALA B 36 10.36 -3.76 31.41
CA ALA B 36 9.80 -2.50 31.86
C ALA B 36 9.99 -1.45 30.77
N ILE B 37 8.93 -0.68 30.50
CA ILE B 37 8.93 0.33 29.46
C ILE B 37 8.62 1.67 30.09
N ASN B 38 9.46 2.67 29.81
CA ASN B 38 9.24 4.04 30.25
C ASN B 38 9.35 4.94 29.03
N VAL B 39 8.30 5.70 28.74
CA VAL B 39 8.26 6.57 27.57
C VAL B 39 7.84 7.96 28.03
N SER B 40 8.55 8.98 27.55
CA SER B 40 8.19 10.37 27.76
C SER B 40 7.93 11.01 26.41
N ILE B 41 6.87 11.81 26.33
CA ILE B 41 6.45 12.45 25.09
C ILE B 41 6.30 13.95 25.34
N LYS B 42 6.93 14.75 24.49
CA LYS B 42 6.84 16.21 24.56
C LYS B 42 6.72 16.73 23.14
N GLY B 43 5.57 17.33 22.82
CA GLY B 43 5.33 17.74 21.44
C GLY B 43 5.30 16.52 20.55
N ASN B 44 6.08 16.57 19.47
CA ASN B 44 6.21 15.44 18.55
C ASN B 44 7.54 14.71 18.72
N HIS B 45 8.09 14.71 19.94
CA HIS B 45 9.31 14.00 20.24
C HIS B 45 9.07 13.08 21.43
N PHE B 46 9.81 11.97 21.46
CA PHE B 46 9.67 11.00 22.52
C PHE B 46 11.03 10.43 22.89
N THR B 47 11.16 10.02 24.16
CA THR B 47 12.31 9.29 24.64
C THR B 47 11.80 8.00 25.29
N SER B 48 12.44 6.88 24.96
CA SER B 48 12.01 5.59 25.46
C SER B 48 13.17 4.87 26.14
N ASP B 49 12.87 4.21 27.25
CA ASP B 49 13.83 3.39 27.97
C ASP B 49 13.18 2.03 28.21
N ILE B 50 13.78 0.98 27.66
CA ILE B 50 13.26 -0.37 27.77
C ILE B 50 14.30 -1.21 28.50
N ILE B 51 13.91 -1.75 29.65
CA ILE B 51 14.79 -2.57 30.48
C ILE B 51 14.28 -4.01 30.42
N ILE B 52 15.17 -4.93 30.05
CA ILE B 52 14.81 -6.31 29.79
C ILE B 52 15.68 -7.22 30.66
N ARG B 53 15.06 -8.17 31.33
CA ARG B 53 15.76 -9.28 31.96
C ARG B 53 15.39 -10.54 31.21
N GLU B 54 16.40 -11.22 30.65
CA GLU B 54 16.20 -12.34 29.76
C GLU B 54 16.62 -13.62 30.45
N LEU B 55 15.72 -14.61 30.49
CA LEU B 55 15.98 -15.89 31.13
C LEU B 55 15.85 -17.02 30.12
N VAL B 56 16.54 -18.11 30.40
CA VAL B 56 16.40 -19.35 29.64
C VAL B 56 17.14 -20.44 30.40
N LYS B 57 16.73 -21.70 30.18
CA LYS B 57 17.28 -22.80 30.97
C LYS B 57 18.74 -23.08 30.59
N SER B 58 19.05 -23.06 29.29
CA SER B 58 20.35 -23.48 28.80
C SER B 58 21.42 -22.41 28.94
N GLU B 59 21.10 -21.27 29.54
CA GLU B 59 22.05 -20.17 29.65
C GLU B 59 21.70 -19.34 30.88
N ASN B 60 22.72 -18.66 31.41
CA ASN B 60 22.51 -17.87 32.61
C ASN B 60 21.86 -16.53 32.28
N LYS B 61 21.40 -15.85 33.33
CA LYS B 61 20.64 -14.61 33.24
C LYS B 61 21.31 -13.58 32.33
N ASN B 62 20.56 -12.57 31.91
CA ASN B 62 21.08 -11.55 31.01
C ASN B 62 20.16 -10.33 31.02
N TYR B 63 20.76 -9.14 31.09
CA TYR B 63 20.01 -7.89 31.08
C TYR B 63 20.31 -7.10 29.83
N TYR B 64 19.31 -6.34 29.37
CA TYR B 64 19.46 -5.42 28.26
C TYR B 64 18.79 -4.09 28.62
N ASN B 65 19.47 -2.99 28.29
CA ASN B 65 18.92 -1.65 28.47
C ASN B 65 18.91 -0.98 27.11
N VAL B 66 17.72 -0.63 26.63
CA VAL B 66 17.53 -0.11 25.28
C VAL B 66 17.00 1.31 25.40
N ILE B 67 17.85 2.29 25.06
CA ILE B 67 17.53 3.71 25.17
C ILE B 67 17.39 4.26 23.75
N GLY B 68 16.27 4.93 23.51
CA GLY B 68 16.02 5.51 22.20
C GLY B 68 15.27 6.82 22.30
N HIS B 69 15.28 7.56 21.20
CA HIS B 69 14.49 8.78 21.09
C HIS B 69 14.24 9.05 19.62
N GLY B 70 13.19 9.83 19.35
CA GLY B 70 12.83 10.14 17.98
C GLY B 70 11.58 10.98 17.88
N ASP B 71 10.87 10.83 16.78
CA ASP B 71 9.65 11.59 16.52
C ASP B 71 8.45 10.67 16.72
N ILE B 72 7.44 11.18 17.43
CA ILE B 72 6.13 10.54 17.49
C ILE B 72 5.20 11.34 16.59
N ILE B 73 4.50 10.64 15.69
CA ILE B 73 3.70 11.25 14.66
C ILE B 73 2.26 10.81 14.84
N GLN B 74 1.35 11.77 14.89
CA GLN B 74 -0.08 11.49 15.04
C GLN B 74 -0.74 11.55 13.68
N LYS B 75 -1.32 10.43 13.25
CA LYS B 75 -2.06 10.35 12.00
C LYS B 75 -3.56 10.53 12.21
N ASN B 76 -4.14 9.76 13.12
CA ASN B 76 -5.53 9.88 13.52
C ASN B 76 -5.58 10.19 15.01
N THR B 77 -6.79 10.13 15.57
CA THR B 77 -6.91 10.18 17.03
C THR B 77 -6.43 8.89 17.68
N HIS B 78 -6.37 7.81 16.91
CA HIS B 78 -6.02 6.49 17.43
C HIS B 78 -4.80 5.87 16.73
N GLN B 79 -4.19 6.56 15.78
CA GLN B 79 -3.09 6.02 14.99
C GLN B 79 -1.87 6.91 15.16
N TYR B 80 -0.84 6.40 15.83
CA TYR B 80 0.42 7.09 16.00
C TYR B 80 1.55 6.28 15.39
N TYR B 81 2.67 6.94 15.14
CA TYR B 81 3.86 6.29 14.63
C TYR B 81 5.07 6.80 15.40
N LEU B 82 5.96 5.87 15.77
CA LEU B 82 7.23 6.20 16.38
C LEU B 82 8.33 5.98 15.35
N ASN B 83 9.13 7.03 15.12
CA ASN B 83 10.24 6.96 14.18
C ASN B 83 11.51 7.35 14.94
N PHE B 84 12.36 6.37 15.21
CA PHE B 84 13.52 6.57 16.06
C PHE B 84 14.62 7.30 15.30
N ASP B 85 15.20 8.31 15.95
CA ASP B 85 16.43 8.91 15.45
C ASP B 85 17.64 8.07 15.82
N ASN B 86 17.62 7.46 17.01
CA ASN B 86 18.75 6.67 17.48
C ASN B 86 18.26 5.72 18.56
N ILE B 87 18.91 4.55 18.63
CA ILE B 87 18.68 3.59 19.71
C ILE B 87 20.04 3.06 20.14
N ASP B 88 20.29 3.04 21.45
CA ASP B 88 21.48 2.46 22.03
C ASP B 88 21.11 1.20 22.80
N VAL B 89 21.94 0.17 22.71
CA VAL B 89 21.70 -1.09 23.38
C VAL B 89 22.87 -1.36 24.32
N TYR B 90 22.57 -1.56 25.60
CA TYR B 90 23.54 -1.97 26.60
C TYR B 90 23.15 -3.34 27.14
N THR B 91 24.15 -4.14 27.49
CA THR B 91 23.91 -5.47 28.02
C THR B 91 24.81 -5.73 29.21
N GLY B 92 24.49 -6.80 29.94
CA GLY B 92 25.26 -7.20 31.10
C GLY B 92 24.60 -8.31 31.88
N THR B 93 25.37 -9.02 32.70
CA THR B 93 24.82 -10.04 33.59
C THR B 93 24.49 -9.49 34.97
N ASN B 94 24.91 -8.26 35.27
CA ASN B 94 24.54 -7.59 36.50
C ASN B 94 24.16 -6.15 36.16
N LYS B 95 23.01 -5.71 36.65
CA LYS B 95 22.56 -4.35 36.36
C LYS B 95 23.57 -3.30 36.80
N ALA B 96 24.52 -3.67 37.67
CA ALA B 96 25.50 -2.70 38.15
C ALA B 96 26.40 -2.22 37.02
N ASN B 97 26.98 -3.14 36.26
CA ASN B 97 27.92 -2.81 35.20
C ASN B 97 27.38 -3.32 33.86
N MET B 98 26.70 -2.42 33.14
CA MET B 98 26.25 -2.67 31.78
C MET B 98 27.22 -2.01 30.81
N LYS B 99 27.30 -2.53 29.60
CA LYS B 99 28.23 -2.03 28.61
C LYS B 99 27.58 -1.99 27.24
N PRO B 100 28.08 -1.12 26.35
CA PRO B 100 27.45 -0.99 25.02
C PRO B 100 27.54 -2.28 24.22
N TYR B 101 26.55 -2.48 23.35
CA TYR B 101 26.37 -3.69 22.58
C TYR B 101 25.90 -3.29 21.18
N LYS B 102 26.46 -3.92 20.15
CA LYS B 102 26.09 -3.57 18.79
C LYS B 102 24.63 -3.94 18.54
N GLU B 103 23.92 -3.03 17.88
CA GLU B 103 22.47 -3.17 17.73
C GLU B 103 22.13 -4.44 16.96
N PRO B 104 21.26 -5.31 17.48
CA PRO B 104 20.74 -6.41 16.68
C PRO B 104 19.85 -5.90 15.56
N THR B 105 19.59 -6.79 14.60
CA THR B 105 18.73 -6.43 13.47
C THR B 105 17.37 -5.93 13.95
N SER B 106 16.79 -6.58 14.96
CA SER B 106 15.47 -6.19 15.43
C SER B 106 15.45 -4.80 16.05
N ILE B 107 16.60 -4.24 16.38
CA ILE B 107 16.69 -2.87 16.88
C ILE B 107 17.03 -1.90 15.77
N SER B 108 18.12 -2.15 15.04
CA SER B 108 18.57 -1.22 14.01
C SER B 108 17.50 -1.01 12.95
N SER B 109 16.65 -2.02 12.71
CA SER B 109 15.60 -1.87 11.71
C SER B 109 14.52 -0.88 12.13
N LEU B 110 14.46 -0.54 13.42
CA LEU B 110 13.49 0.44 13.90
C LEU B 110 13.93 1.87 13.68
N ILE B 111 15.20 2.10 13.32
CA ILE B 111 15.72 3.47 13.18
C ILE B 111 15.34 4.00 11.80
N ASN B 112 14.96 5.28 11.76
CA ASN B 112 14.53 5.92 10.52
C ASN B 112 13.41 5.13 9.84
N LYS B 113 12.57 4.48 10.64
CA LYS B 113 11.35 3.83 10.16
C LYS B 113 10.21 4.19 11.09
N SER B 114 9.01 4.30 10.52
CA SER B 114 7.82 4.65 11.28
C SER B 114 7.17 3.36 11.78
N ASN B 115 7.17 3.16 13.09
CA ASN B 115 6.66 1.94 13.70
C ASN B 115 5.27 2.19 14.27
N ASN B 116 4.38 1.23 14.04
CA ASN B 116 2.96 1.45 14.23
C ASN B 116 2.54 1.32 15.69
N ILE B 117 1.80 2.31 16.18
CA ILE B 117 1.17 2.27 17.49
C ILE B 117 -0.28 2.69 17.30
N ARG B 118 -1.22 1.80 17.66
CA ARG B 118 -2.65 2.08 17.54
C ARG B 118 -3.26 2.14 18.92
N VAL B 119 -3.82 3.29 19.28
CA VAL B 119 -4.49 3.47 20.55
C VAL B 119 -5.89 2.89 20.45
N VAL B 120 -6.24 2.01 21.39
CA VAL B 120 -7.58 1.42 21.42
C VAL B 120 -8.42 1.97 22.57
N TYR B 121 -7.82 2.54 23.60
CA TYR B 121 -8.58 3.14 24.68
C TYR B 121 -7.71 4.16 25.41
N LEU B 122 -8.32 5.27 25.81
CA LEU B 122 -7.60 6.37 26.46
C LEU B 122 -8.39 6.87 27.65
N SER B 123 -7.74 6.91 28.81
CA SER B 123 -8.27 7.52 30.01
C SER B 123 -7.26 8.54 30.54
N GLU B 124 -7.57 9.13 31.69
CA GLU B 124 -6.61 10.00 32.34
C GLU B 124 -5.57 9.24 33.15
N GLU B 125 -5.84 7.95 33.46
CA GLU B 125 -4.93 7.14 34.25
C GLU B 125 -4.16 6.11 33.45
N TYR B 126 -4.61 5.76 32.25
CA TYR B 126 -3.91 4.77 31.47
C TYR B 126 -4.36 4.83 30.01
N VAL B 127 -3.57 4.19 29.15
CA VAL B 127 -3.87 4.07 27.74
C VAL B 127 -3.61 2.62 27.31
N VAL B 128 -4.46 2.11 26.42
CA VAL B 128 -4.33 0.76 25.88
C VAL B 128 -3.95 0.87 24.42
N VAL B 129 -2.89 0.17 24.03
CA VAL B 129 -2.35 0.27 22.68
C VAL B 129 -2.05 -1.10 22.11
N GLU B 130 -2.23 -1.22 20.80
CA GLU B 130 -1.59 -2.27 20.01
C GLU B 130 -0.31 -1.68 19.43
N PHE B 131 0.82 -2.35 19.63
CA PHE B 131 2.08 -1.84 19.12
C PHE B 131 2.91 -2.99 18.56
N PHE B 132 4.12 -2.67 18.14
CA PHE B 132 4.85 -3.46 17.15
C PHE B 132 5.78 -4.50 17.74
N PHE B 133 5.92 -4.58 19.06
CA PHE B 133 6.75 -5.63 19.65
C PHE B 133 6.24 -7.00 19.22
N TYR B 134 7.17 -7.90 18.92
CA TYR B 134 6.84 -9.27 18.53
C TYR B 134 5.89 -9.30 17.34
N ASP B 135 5.92 -8.25 16.52
CA ASP B 135 5.05 -8.12 15.35
C ASP B 135 3.57 -8.08 15.74
N GLY B 136 3.27 -7.55 16.93
CA GLY B 136 1.90 -7.38 17.36
C GLY B 136 1.68 -7.74 18.82
N GLN B 137 1.37 -6.73 19.64
CA GLN B 137 1.17 -6.93 21.07
C GLN B 137 0.20 -5.86 21.56
N ILE B 138 -0.64 -6.24 22.53
CA ILE B 138 -1.54 -5.30 23.17
C ILE B 138 -1.12 -5.15 24.63
N ILE B 139 -1.15 -3.91 25.13
CA ILE B 139 -0.60 -3.60 26.43
C ILE B 139 -1.26 -2.34 26.97
N THR B 140 -1.29 -2.22 28.29
CA THR B 140 -1.79 -1.03 28.97
C THR B 140 -0.62 -0.29 29.60
N LEU B 141 -0.58 1.03 29.42
CA LEU B 141 0.44 1.88 30.04
C LEU B 141 -0.23 2.88 30.97
N HIS B 142 0.35 3.05 32.14
CA HIS B 142 -0.13 4.05 33.09
C HIS B 142 0.34 5.44 32.69
N ARG B 143 -0.57 6.41 32.79
CA ARG B 143 -0.27 7.79 32.43
C ARG B 143 0.25 8.55 33.65
N TYR B 144 1.38 9.23 33.48
CA TYR B 144 1.90 10.13 34.51
C TYR B 144 2.00 11.55 33.95
N ASP C 5 0.48 36.77 -11.90
CA ASP C 5 0.25 35.96 -10.71
C ASP C 5 0.53 36.76 -9.45
N ASP C 6 -0.21 36.44 -8.38
CA ASP C 6 0.03 37.03 -7.08
C ASP C 6 0.63 36.01 -6.11
N TYR C 7 1.00 34.83 -6.60
CA TYR C 7 1.57 33.80 -5.75
C TYR C 7 3.05 34.10 -5.48
N PRO C 8 3.59 33.61 -4.36
CA PRO C 8 5.01 33.85 -4.08
C PRO C 8 5.90 33.19 -5.12
N SER C 9 6.98 33.86 -5.46
CA SER C 9 7.96 33.34 -6.39
C SER C 9 8.99 32.49 -5.65
N LEU C 10 9.78 31.74 -6.42
CA LEU C 10 10.80 30.88 -5.85
C LEU C 10 11.82 31.71 -5.06
N SER C 11 12.00 31.37 -3.78
CA SER C 11 12.89 32.12 -2.90
C SER C 11 14.04 31.30 -2.34
N PHE C 12 13.94 29.97 -2.33
CA PHE C 12 15.04 29.11 -1.91
C PHE C 12 15.04 27.88 -2.81
N GLN C 13 16.23 27.49 -3.26
CA GLN C 13 16.36 26.31 -4.12
C GLN C 13 17.71 25.67 -3.85
N GLN C 14 17.69 24.44 -3.34
CA GLN C 14 18.92 23.71 -3.04
C GLN C 14 18.63 22.22 -3.20
N ASP C 15 19.40 21.56 -4.06
CA ASP C 15 19.19 20.15 -4.35
C ASP C 15 17.74 19.89 -4.77
N TYR C 16 16.99 19.15 -3.97
CA TYR C 16 15.63 18.74 -4.31
C TYR C 16 14.56 19.65 -3.72
N VAL C 17 14.94 20.68 -2.96
CA VAL C 17 13.99 21.52 -2.23
C VAL C 17 13.72 22.79 -3.02
N TYR C 18 12.45 23.16 -3.10
CA TYR C 18 12.01 24.39 -3.74
C TYR C 18 11.00 25.07 -2.81
N ILE C 19 11.34 26.25 -2.31
CA ILE C 19 10.47 27.00 -1.41
C ILE C 19 10.00 28.25 -2.13
N PHE C 20 8.69 28.49 -2.09
CA PHE C 20 8.06 29.67 -2.67
C PHE C 20 7.54 30.54 -1.54
N SER C 21 8.04 31.76 -1.46
CA SER C 21 7.70 32.64 -0.34
C SER C 21 8.31 34.00 -0.59
N SER C 22 7.67 35.03 -0.04
CA SER C 22 8.19 36.39 -0.09
C SER C 22 9.11 36.69 1.08
N ASP C 23 9.38 35.71 1.94
CA ASP C 23 10.28 35.89 3.08
C ASP C 23 11.59 35.18 2.74
N PHE C 24 12.55 35.95 2.24
CA PHE C 24 13.83 35.40 1.84
C PHE C 24 14.56 34.77 3.02
N GLN C 25 14.52 35.42 4.18
CA GLN C 25 15.23 34.91 5.35
C GLN C 25 14.60 33.61 5.84
N LEU C 26 13.28 33.60 6.01
CA LEU C 26 12.59 32.39 6.48
C LEU C 26 12.81 31.24 5.51
N SER C 27 12.75 31.51 4.21
CA SER C 27 12.96 30.45 3.22
C SER C 27 14.33 29.81 3.39
N GLU C 28 15.36 30.62 3.63
CA GLU C 28 16.70 30.10 3.83
C GLU C 28 16.76 29.20 5.06
N GLU C 29 16.26 29.68 6.19
CA GLU C 29 16.31 28.91 7.43
C GLU C 29 15.54 27.61 7.29
N LEU C 30 14.34 27.67 6.71
CA LEU C 30 13.54 26.47 6.52
C LEU C 30 14.22 25.51 5.56
N GLY C 31 14.72 26.03 4.43
CA GLY C 31 15.35 25.18 3.44
C GLY C 31 16.49 24.36 4.01
N VAL C 32 17.41 25.03 4.72
CA VAL C 32 18.53 24.34 5.34
C VAL C 32 18.03 23.33 6.37
N ALA C 33 17.06 23.74 7.21
CA ALA C 33 16.52 22.83 8.21
C ALA C 33 15.94 21.58 7.57
N LEU C 34 15.21 21.74 6.46
CA LEU C 34 14.59 20.60 5.81
C LEU C 34 15.65 19.63 5.29
N ILE C 35 16.67 20.17 4.61
CA ILE C 35 17.72 19.32 4.05
C ILE C 35 18.41 18.53 5.18
N ASN C 36 18.81 19.23 6.24
CA ASN C 36 19.49 18.55 7.34
C ASN C 36 18.61 17.48 7.96
N ALA C 37 17.34 17.81 8.20
CA ALA C 37 16.43 16.86 8.85
C ALA C 37 16.17 15.65 7.96
N LEU C 38 15.83 15.89 6.68
CA LEU C 38 15.52 14.78 5.78
C LEU C 38 16.74 13.91 5.55
N SER C 39 17.92 14.52 5.42
CA SER C 39 19.13 13.75 5.22
C SER C 39 19.42 12.87 6.42
N ALA C 40 19.22 13.40 7.64
CA ALA C 40 19.45 12.61 8.84
C ALA C 40 18.48 11.44 8.95
N LYS C 41 17.24 11.63 8.49
CA LYS C 41 16.24 10.56 8.51
C LYS C 41 16.34 9.64 7.31
N GLU C 42 17.33 9.86 6.43
CA GLU C 42 17.51 9.03 5.24
C GLU C 42 16.29 9.08 4.33
N ILE C 43 15.72 10.27 4.18
CA ILE C 43 14.61 10.52 3.26
C ILE C 43 15.15 11.35 2.11
N VAL C 44 15.11 10.80 0.90
CA VAL C 44 15.63 11.48 -0.28
C VAL C 44 14.48 11.69 -1.26
N PRO C 45 13.81 12.84 -1.24
CA PRO C 45 12.76 13.10 -2.23
C PRO C 45 13.35 13.29 -3.61
N GLU C 46 12.54 12.97 -4.62
CA GLU C 46 12.85 13.46 -5.96
C GLU C 46 12.76 14.97 -6.00
N ARG C 47 11.71 15.53 -5.40
CA ARG C 47 11.57 16.97 -5.24
C ARG C 47 10.63 17.25 -4.08
N LEU C 48 10.87 18.36 -3.40
CA LEU C 48 10.03 18.79 -2.28
C LEU C 48 9.71 20.26 -2.49
N TYR C 49 8.44 20.55 -2.80
CA TYR C 49 7.96 21.91 -3.01
C TYR C 49 7.25 22.40 -1.75
N VAL C 50 7.53 23.63 -1.36
CA VAL C 50 6.94 24.25 -0.18
C VAL C 50 6.48 25.65 -0.54
N MET C 51 5.29 26.02 -0.04
CA MET C 51 4.72 27.33 -0.28
C MET C 51 4.30 27.92 1.05
N LEU C 52 4.76 29.14 1.34
CA LEU C 52 4.45 29.84 2.57
C LEU C 52 3.58 31.04 2.25
N ASN C 53 2.40 31.08 2.83
CA ASN C 53 1.45 32.19 2.66
C ASN C 53 1.16 32.82 4.03
N ASP C 54 0.36 33.88 4.00
CA ASP C 54 0.03 34.60 5.23
C ASP C 54 -0.81 33.72 6.16
N LYS C 55 -1.82 33.04 5.63
CA LYS C 55 -2.77 32.29 6.45
C LYS C 55 -2.60 30.78 6.36
N THR C 56 -1.77 30.27 5.45
CA THR C 56 -1.58 28.83 5.32
C THR C 56 -0.16 28.54 4.85
N ILE C 57 0.24 27.28 4.99
CA ILE C 57 1.41 26.74 4.33
C ILE C 57 1.00 25.44 3.66
N SER C 58 1.71 25.08 2.60
CA SER C 58 1.45 23.84 1.90
C SER C 58 2.75 23.29 1.35
N PHE C 59 2.77 22.00 1.07
CA PHE C 59 3.94 21.38 0.48
C PHE C 59 3.52 20.17 -0.33
N SER C 60 4.42 19.78 -1.25
CA SER C 60 4.21 18.61 -2.10
C SER C 60 5.52 17.82 -2.09
N PHE C 61 5.47 16.63 -1.50
CA PHE C 61 6.62 15.74 -1.43
C PHE C 61 6.52 14.71 -2.56
N ILE C 62 7.48 14.73 -3.47
CA ILE C 62 7.51 13.81 -4.61
C ILE C 62 8.56 12.75 -4.31
N SER C 63 8.11 11.51 -4.14
CA SER C 63 9.00 10.41 -3.81
C SER C 63 9.53 9.76 -5.08
N LYS C 64 10.69 9.12 -4.96
CA LYS C 64 11.24 8.34 -6.05
C LYS C 64 10.28 7.21 -6.38
N ASN C 65 9.63 7.31 -7.54
CA ASN C 65 8.43 6.57 -7.92
C ASN C 65 7.43 7.57 -8.48
N LYS C 66 7.70 8.87 -8.27
CA LYS C 66 6.89 9.96 -8.80
C LYS C 66 5.48 9.94 -8.21
N LYS C 67 5.35 9.48 -6.97
CA LYS C 67 4.12 9.59 -6.20
C LYS C 67 4.24 10.78 -5.26
N SER C 68 3.15 11.51 -5.08
CA SER C 68 3.16 12.80 -4.40
C SER C 68 2.30 12.75 -3.14
N LYS C 69 2.86 13.21 -2.03
CA LYS C 69 2.13 13.45 -0.80
C LYS C 69 1.98 14.95 -0.61
N ASN C 70 0.74 15.42 -0.56
CA ASN C 70 0.44 16.84 -0.57
C ASN C 70 -0.34 17.23 0.68
N ARG C 71 0.01 18.37 1.25
CA ARG C 71 -0.56 18.81 2.51
C ARG C 71 -0.78 20.31 2.51
N VAL C 72 -1.77 20.74 3.27
CA VAL C 72 -2.03 22.14 3.55
C VAL C 72 -2.29 22.28 5.05
N LEU C 73 -1.68 23.29 5.66
CA LEU C 73 -1.81 23.53 7.09
C LEU C 73 -2.18 24.99 7.30
N SER C 74 -3.31 25.23 7.96
CA SER C 74 -3.69 26.58 8.32
C SER C 74 -2.85 27.05 9.50
N THR C 75 -2.36 28.28 9.42
CA THR C 75 -1.45 28.82 10.42
C THR C 75 -2.22 29.70 11.39
N GLU C 76 -2.39 29.22 12.62
CA GLU C 76 -2.94 30.03 13.69
C GLU C 76 -2.12 31.30 13.83
N LYS C 77 -0.96 31.19 14.47
CA LYS C 77 0.06 32.23 14.44
C LYS C 77 1.10 31.89 13.39
N LYS C 78 1.82 32.91 12.94
CA LYS C 78 2.90 32.70 11.99
C LYS C 78 3.96 31.80 12.60
N LEU C 79 4.16 30.63 12.01
CA LEU C 79 5.08 29.64 12.56
C LEU C 79 6.52 29.97 12.19
N ASN C 80 7.43 29.59 13.07
CA ASN C 80 8.86 29.73 12.79
C ASN C 80 9.34 28.56 11.93
N TYR C 81 10.58 28.69 11.44
CA TYR C 81 11.09 27.69 10.50
C TYR C 81 11.23 26.32 11.16
N LYS C 82 11.49 26.28 12.46
CA LYS C 82 11.64 24.99 13.14
C LYS C 82 10.31 24.25 13.21
N HIS C 83 9.23 24.96 13.56
CA HIS C 83 7.92 24.31 13.66
C HIS C 83 7.43 23.87 12.27
N ILE C 84 7.69 24.68 11.24
CA ILE C 84 7.34 24.27 9.89
C ILE C 84 8.15 23.05 9.47
N SER C 85 9.45 23.08 9.75
CA SER C 85 10.32 21.99 9.31
C SER C 85 9.84 20.64 9.85
N GLU C 86 9.60 20.56 11.16
CA GLU C 86 9.23 19.28 11.74
C GLU C 86 7.81 18.88 11.42
N TYR C 87 6.93 19.83 11.12
CA TYR C 87 5.60 19.46 10.59
C TYR C 87 5.75 18.77 9.24
N ILE C 88 6.51 19.36 8.33
CA ILE C 88 6.72 18.76 7.02
C ILE C 88 7.37 17.39 7.17
N VAL C 89 8.44 17.31 7.95
CA VAL C 89 9.16 16.05 8.11
C VAL C 89 8.25 15.01 8.74
N ASN C 90 7.41 15.41 9.70
CA ASN C 90 6.55 14.46 10.38
C ASN C 90 5.47 13.92 9.45
N GLU C 91 4.90 14.77 8.59
CA GLU C 91 3.93 14.30 7.61
C GLU C 91 4.57 13.37 6.59
N ILE C 92 5.83 13.63 6.22
CA ILE C 92 6.51 12.79 5.25
C ILE C 92 6.89 11.43 5.84
N GLU C 93 7.04 11.34 7.15
CA GLU C 93 7.56 10.11 7.75
C GLU C 93 6.53 8.98 7.71
N TYR C 94 5.27 9.28 8.03
CA TYR C 94 4.24 8.25 8.02
C TYR C 94 3.64 8.10 6.64
N PRO D 14 -8.20 14.63 -27.91
CA PRO D 14 -7.01 14.44 -27.06
C PRO D 14 -7.22 14.98 -25.65
N VAL D 15 -7.87 14.19 -24.80
CA VAL D 15 -8.17 14.61 -23.43
C VAL D 15 -6.95 14.34 -22.56
N HIS D 16 -6.56 15.33 -21.76
CA HIS D 16 -5.49 15.19 -20.79
C HIS D 16 -6.07 15.23 -19.39
N PHE D 17 -5.65 14.30 -18.54
CA PHE D 17 -6.17 14.18 -17.19
C PHE D 17 -5.12 14.61 -16.17
N TYR D 18 -5.57 15.25 -15.11
CA TYR D 18 -4.73 15.66 -13.99
C TYR D 18 -5.44 15.28 -12.71
N GLU D 19 -4.77 14.54 -11.84
CA GLU D 19 -5.41 14.12 -10.60
C GLU D 19 -4.38 14.00 -9.49
N THR D 20 -4.85 14.25 -8.27
CA THR D 20 -4.00 14.18 -7.09
C THR D 20 -4.91 14.12 -5.86
N SER D 21 -4.29 14.02 -4.70
CA SER D 21 -4.99 14.07 -3.43
C SER D 21 -4.15 14.86 -2.44
N TYR D 22 -4.80 15.41 -1.43
CA TYR D 22 -4.10 16.14 -0.38
C TYR D 22 -4.96 16.11 0.88
N LYS D 23 -4.37 16.57 1.97
CA LYS D 23 -5.08 16.71 3.24
C LYS D 23 -4.86 18.11 3.77
N TYR D 24 -5.95 18.73 4.23
CA TYR D 24 -5.91 20.05 4.85
C TYR D 24 -6.10 19.89 6.35
N GLN D 25 -5.21 20.48 7.13
CA GLN D 25 -5.22 20.37 8.59
C GLN D 25 -5.35 21.75 9.21
N ALA D 26 -6.19 21.85 10.24
CA ALA D 26 -6.35 23.08 10.99
C ALA D 26 -5.37 23.12 12.16
N ALA D 27 -4.82 24.31 12.41
CA ALA D 27 -3.82 24.47 13.46
C ALA D 27 -4.35 24.04 14.82
N ASP D 28 -5.33 24.78 15.33
CA ASP D 28 -5.83 24.60 16.70
C ASP D 28 -7.08 23.73 16.75
N SER D 29 -7.12 22.65 15.98
CA SER D 29 -8.24 21.73 16.02
C SER D 29 -7.88 20.49 15.21
N THR D 30 -8.78 19.50 15.26
CA THR D 30 -8.63 18.27 14.49
C THR D 30 -9.44 18.30 13.20
N TYR D 31 -10.12 19.40 12.90
CA TYR D 31 -10.85 19.53 11.65
C TYR D 31 -9.90 19.42 10.46
N MET D 32 -10.31 18.70 9.43
CA MET D 32 -9.46 18.50 8.27
C MET D 32 -10.28 18.08 7.07
N HIS D 33 -9.68 18.27 5.89
CA HIS D 33 -10.23 17.79 4.63
C HIS D 33 -9.33 16.70 4.07
N ASP D 34 -9.93 15.60 3.62
CA ASP D 34 -9.27 14.64 2.76
C ASP D 34 -9.87 14.82 1.37
N VAL D 35 -9.06 15.31 0.43
CA VAL D 35 -9.56 15.80 -0.85
C VAL D 35 -8.89 15.04 -1.98
N ALA D 36 -9.69 14.69 -3.00
CA ALA D 36 -9.19 14.11 -4.23
C ALA D 36 -9.58 15.03 -5.38
N ILE D 37 -8.60 15.43 -6.18
CA ILE D 37 -8.80 16.34 -7.31
C ILE D 37 -8.70 15.53 -8.60
N ASN D 38 -9.69 15.69 -9.47
CA ASN D 38 -9.69 15.09 -10.79
C ASN D 38 -10.09 16.17 -11.81
N VAL D 39 -9.19 16.45 -12.75
CA VAL D 39 -9.43 17.45 -13.78
C VAL D 39 -9.09 16.84 -15.13
N SER D 40 -9.97 17.07 -16.11
CA SER D 40 -9.73 16.70 -17.49
C SER D 40 -9.71 17.97 -18.33
N ILE D 41 -8.78 18.03 -19.29
CA ILE D 41 -8.63 19.19 -20.16
C ILE D 41 -8.63 18.70 -21.59
N LYS D 42 -9.55 19.23 -22.41
CA LYS D 42 -9.61 18.96 -23.83
C LYS D 42 -9.63 20.31 -24.54
N GLY D 43 -8.56 20.63 -25.25
CA GLY D 43 -8.45 21.94 -25.86
C GLY D 43 -8.39 23.00 -24.77
N ASN D 44 -9.34 23.94 -24.81
CA ASN D 44 -9.46 24.97 -23.79
C ASN D 44 -10.62 24.70 -22.83
N HIS D 45 -11.21 23.52 -22.88
CA HIS D 45 -12.32 23.14 -22.02
C HIS D 45 -11.83 22.19 -20.95
N PHE D 46 -12.34 22.37 -19.72
CA PHE D 46 -11.97 21.51 -18.61
C PHE D 46 -13.22 21.05 -17.87
N THR D 47 -13.15 19.85 -17.31
CA THR D 47 -14.13 19.33 -16.38
C THR D 47 -13.40 18.95 -15.10
N SER D 48 -13.92 19.42 -13.96
CA SER D 48 -13.31 19.17 -12.67
C SER D 48 -14.27 18.42 -11.76
N ASP D 49 -13.72 17.49 -10.98
CA ASP D 49 -14.49 16.75 -9.97
C ASP D 49 -13.63 16.71 -8.71
N ILE D 50 -14.09 17.39 -7.66
CA ILE D 50 -13.40 17.41 -6.38
C ILE D 50 -14.24 16.62 -5.39
N ILE D 51 -13.60 15.70 -4.67
CA ILE D 51 -14.26 14.87 -3.68
C ILE D 51 -13.62 15.18 -2.33
N ILE D 52 -14.44 15.65 -1.39
CA ILE D 52 -13.96 16.09 -0.08
C ILE D 52 -14.59 15.22 1.00
N ARG D 53 -13.78 14.86 1.99
CA ARG D 53 -14.24 14.19 3.19
C ARG D 53 -13.86 15.05 4.38
N GLU D 54 -14.86 15.72 4.96
CA GLU D 54 -14.63 16.47 6.19
C GLU D 54 -14.51 15.50 7.37
N LEU D 55 -13.52 15.72 8.21
CA LEU D 55 -13.32 14.90 9.40
C LEU D 55 -13.22 15.79 10.63
N VAL D 56 -13.83 15.34 11.71
CA VAL D 56 -13.70 15.99 13.02
C VAL D 56 -13.50 14.88 14.05
N LYS D 57 -12.36 14.89 14.73
CA LYS D 57 -11.99 13.83 15.67
C LYS D 57 -11.64 12.53 14.95
N SER D 58 -11.14 12.63 13.72
CA SER D 58 -10.73 11.46 12.95
C SER D 58 -11.89 10.50 12.72
N GLU D 59 -13.02 11.06 12.30
CA GLU D 59 -14.19 10.26 11.95
C GLU D 59 -14.90 10.93 10.79
N ASN D 60 -15.24 10.15 9.77
CA ASN D 60 -15.92 10.67 8.59
C ASN D 60 -17.18 11.42 8.99
N LYS D 61 -17.14 12.75 8.92
CA LYS D 61 -18.28 13.57 9.31
C LYS D 61 -19.22 13.81 8.14
N ASN D 62 -18.69 14.35 7.03
CA ASN D 62 -19.52 14.69 5.89
C ASN D 62 -18.70 14.55 4.61
N TYR D 63 -19.37 14.17 3.53
CA TYR D 63 -18.76 14.03 2.23
C TYR D 63 -19.34 15.07 1.27
N TYR D 64 -18.50 15.56 0.37
CA TYR D 64 -18.89 16.56 -0.60
C TYR D 64 -18.34 16.20 -1.96
N ASN D 65 -19.11 16.48 -3.00
CA ASN D 65 -18.72 16.23 -4.38
C ASN D 65 -18.95 17.53 -5.17
N VAL D 66 -17.87 18.15 -5.60
CA VAL D 66 -17.92 19.42 -6.31
C VAL D 66 -17.57 19.16 -7.77
N ILE D 67 -18.53 19.33 -8.66
CA ILE D 67 -18.38 19.05 -10.08
C ILE D 67 -18.53 20.37 -10.84
N GLY D 68 -17.53 20.69 -11.66
CA GLY D 68 -17.55 21.90 -12.44
C GLY D 68 -16.98 21.68 -13.82
N HIS D 69 -17.21 22.67 -14.69
CA HIS D 69 -16.64 22.64 -16.03
C HIS D 69 -16.62 24.07 -16.55
N GLY D 70 -15.75 24.32 -17.52
CA GLY D 70 -15.60 25.66 -18.06
C GLY D 70 -14.41 25.74 -18.99
N ASP D 71 -13.83 26.93 -19.05
CA ASP D 71 -12.72 27.21 -19.94
C ASP D 71 -11.45 27.45 -19.15
N ILE D 72 -10.33 26.95 -19.66
CA ILE D 72 -9.02 27.24 -19.12
C ILE D 72 -8.31 28.15 -20.12
N ILE D 73 -7.89 29.32 -19.66
CA ILE D 73 -7.27 30.33 -20.51
C ILE D 73 -5.81 30.49 -20.11
N GLN D 74 -4.94 30.63 -21.11
CA GLN D 74 -3.51 30.78 -20.88
C GLN D 74 -3.14 32.26 -20.93
N LYS D 75 -2.71 32.80 -19.80
CA LYS D 75 -2.18 34.16 -19.76
C LYS D 75 -0.77 34.20 -20.36
N ASN D 76 0.18 33.55 -19.69
CA ASN D 76 1.58 33.55 -20.10
C ASN D 76 2.03 32.11 -20.33
N THR D 77 3.34 31.95 -20.53
CA THR D 77 3.91 30.62 -20.69
C THR D 77 3.56 29.71 -19.52
N HIS D 78 3.45 30.28 -18.31
CA HIS D 78 3.26 29.50 -17.10
C HIS D 78 1.99 29.84 -16.35
N GLN D 79 1.19 30.79 -16.83
CA GLN D 79 0.03 31.28 -16.10
C GLN D 79 -1.24 30.90 -16.84
N TYR D 80 -2.18 30.31 -16.11
CA TYR D 80 -3.50 29.96 -16.62
C TYR D 80 -4.54 30.44 -15.62
N TYR D 81 -5.80 30.46 -16.06
CA TYR D 81 -6.91 30.70 -15.14
C TYR D 81 -8.15 30.02 -15.66
N LEU D 82 -9.07 29.73 -14.76
CA LEU D 82 -10.28 28.97 -15.05
C LEU D 82 -11.50 29.89 -15.00
N ASN D 83 -12.30 29.86 -16.05
CA ASN D 83 -13.61 30.49 -16.08
C ASN D 83 -14.66 29.38 -16.01
N PHE D 84 -15.33 29.27 -14.87
CA PHE D 84 -16.32 28.21 -14.67
C PHE D 84 -17.63 28.58 -15.33
N ASP D 85 -18.16 27.66 -16.14
CA ASP D 85 -19.53 27.78 -16.62
C ASP D 85 -20.53 27.38 -15.54
N ASN D 86 -20.18 26.41 -14.71
CA ASN D 86 -21.10 25.90 -13.72
C ASN D 86 -20.32 25.08 -12.69
N ILE D 87 -20.80 25.12 -11.44
CA ILE D 87 -20.27 24.30 -10.37
C ILE D 87 -21.45 23.73 -9.59
N ASP D 88 -21.48 22.40 -9.45
CA ASP D 88 -22.48 21.71 -8.65
C ASP D 88 -21.83 21.18 -7.39
N VAL D 89 -22.53 21.32 -6.26
CA VAL D 89 -22.07 20.82 -4.97
C VAL D 89 -23.10 19.83 -4.45
N TYR D 90 -22.68 18.58 -4.25
CA TYR D 90 -23.49 17.56 -3.62
C TYR D 90 -22.89 17.21 -2.27
N THR D 91 -23.74 16.76 -1.34
CA THR D 91 -23.28 16.49 0.01
C THR D 91 -24.07 15.34 0.61
N GLY D 92 -23.48 14.71 1.62
CA GLY D 92 -24.15 13.65 2.35
C GLY D 92 -23.20 13.01 3.34
N THR D 93 -23.79 12.25 4.27
CA THR D 93 -23.00 11.54 5.27
C THR D 93 -22.39 10.26 4.69
N ASN D 94 -23.04 9.67 3.69
CA ASN D 94 -22.48 8.56 2.94
C ASN D 94 -22.99 8.66 1.51
N LYS D 95 -22.31 7.97 0.59
CA LYS D 95 -22.62 8.12 -0.83
C LYS D 95 -23.83 7.28 -1.23
N ALA D 96 -24.74 7.03 -0.29
CA ALA D 96 -26.08 6.56 -0.60
C ALA D 96 -27.14 7.62 -0.31
N ASN D 97 -26.74 8.80 0.17
CA ASN D 97 -27.69 9.88 0.43
C ASN D 97 -27.12 11.22 -0.05
N MET D 98 -26.31 11.21 -1.11
CA MET D 98 -25.79 12.46 -1.66
C MET D 98 -26.92 13.32 -2.19
N LYS D 99 -26.98 14.56 -1.70
CA LYS D 99 -27.98 15.52 -2.12
C LYS D 99 -27.30 16.79 -2.58
N PRO D 100 -27.93 17.57 -3.47
CA PRO D 100 -27.33 18.83 -3.88
C PRO D 100 -27.33 19.83 -2.75
N TYR D 101 -26.25 20.59 -2.66
CA TYR D 101 -26.05 21.56 -1.59
C TYR D 101 -26.46 22.96 -2.04
N SER D 108 -19.72 29.89 -5.45
CA SER D 108 -20.24 30.92 -6.34
C SER D 108 -19.19 31.98 -6.61
N SER D 109 -18.32 32.24 -5.63
CA SER D 109 -17.23 33.18 -5.84
C SER D 109 -16.26 32.69 -6.91
N LEU D 110 -16.12 31.37 -7.05
CA LEU D 110 -15.27 30.83 -8.09
C LEU D 110 -15.82 31.18 -9.48
N ILE D 111 -17.13 31.06 -9.67
CA ILE D 111 -17.74 31.43 -10.93
C ILE D 111 -17.48 32.89 -11.27
N ASN D 112 -17.18 33.72 -10.25
CA ASN D 112 -16.91 35.14 -10.46
C ASN D 112 -15.41 35.41 -10.56
N LYS D 113 -14.66 35.13 -9.50
CA LYS D 113 -13.24 35.45 -9.48
C LYS D 113 -12.47 34.49 -10.38
N SER D 114 -11.85 35.03 -11.43
CA SER D 114 -10.95 34.24 -12.27
C SER D 114 -9.90 33.57 -11.39
N ASN D 115 -9.78 32.25 -11.54
CA ASN D 115 -9.04 31.41 -10.61
C ASN D 115 -7.67 31.12 -11.19
N ASN D 116 -6.64 31.73 -10.62
CA ASN D 116 -5.31 31.72 -11.22
C ASN D 116 -4.57 30.42 -10.91
N ILE D 117 -3.91 29.89 -11.94
CA ILE D 117 -3.02 28.74 -11.82
C ILE D 117 -1.68 29.14 -12.40
N ARG D 118 -0.61 28.90 -11.65
CA ARG D 118 0.75 29.11 -12.13
C ARG D 118 1.47 27.77 -12.15
N VAL D 119 1.98 27.40 -13.31
CA VAL D 119 2.75 26.17 -13.47
C VAL D 119 4.20 26.46 -13.11
N VAL D 120 4.72 25.75 -12.12
CA VAL D 120 6.11 25.90 -11.69
C VAL D 120 6.99 24.75 -12.15
N TYR D 121 6.41 23.65 -12.62
CA TYR D 121 7.20 22.55 -13.18
C TYR D 121 6.27 21.68 -14.01
N LEU D 122 6.67 21.41 -15.25
CA LEU D 122 5.90 20.58 -16.16
C LEU D 122 6.75 19.40 -16.60
N SER D 123 6.16 18.20 -16.54
CA SER D 123 6.84 16.97 -16.93
C SER D 123 5.82 16.03 -17.56
N GLU D 124 6.34 14.97 -18.19
CA GLU D 124 5.47 13.97 -18.77
C GLU D 124 4.57 13.33 -17.71
N GLU D 125 5.14 13.03 -16.54
CA GLU D 125 4.44 12.29 -15.51
C GLU D 125 3.58 13.16 -14.60
N TYR D 126 4.00 14.40 -14.33
CA TYR D 126 3.28 15.22 -13.38
C TYR D 126 3.55 16.70 -13.66
N VAL D 127 2.67 17.54 -13.11
CA VAL D 127 2.81 18.98 -13.17
C VAL D 127 2.72 19.52 -11.75
N VAL D 128 3.50 20.54 -11.46
CA VAL D 128 3.49 21.21 -10.15
C VAL D 128 2.94 22.61 -10.37
N VAL D 129 1.96 22.99 -9.55
CA VAL D 129 1.27 24.26 -9.72
C VAL D 129 1.08 24.94 -8.38
N GLU D 130 1.12 26.28 -8.41
CA GLU D 130 0.50 27.09 -7.37
C GLU D 130 -0.89 27.46 -7.85
N PHE D 131 -1.91 27.20 -7.04
CA PHE D 131 -3.27 27.50 -7.47
C PHE D 131 -4.05 28.06 -6.28
N PHE D 132 -5.36 28.19 -6.48
CA PHE D 132 -6.19 29.15 -5.76
C PHE D 132 -6.89 28.58 -4.54
N PHE D 133 -6.85 27.27 -4.33
CA PHE D 133 -7.48 26.70 -3.13
C PHE D 133 -6.88 27.32 -1.88
N TYR D 134 -7.76 27.67 -0.93
CA TYR D 134 -7.33 28.29 0.33
C TYR D 134 -6.57 29.58 0.10
N ASP D 135 -6.82 30.24 -1.04
CA ASP D 135 -6.16 31.48 -1.40
C ASP D 135 -4.66 31.30 -1.64
N GLY D 136 -4.22 30.08 -1.94
CA GLY D 136 -2.83 29.82 -2.21
C GLY D 136 -2.37 28.45 -1.75
N GLN D 137 -2.04 27.58 -2.70
CA GLN D 137 -1.63 26.22 -2.39
C GLN D 137 -0.71 25.73 -3.49
N ILE D 138 0.32 24.97 -3.11
CA ILE D 138 1.19 24.29 -4.07
C ILE D 138 0.90 22.81 -4.00
N ILE D 139 0.85 22.16 -5.17
CA ILE D 139 0.45 20.76 -5.24
C ILE D 139 1.01 20.17 -6.52
N THR D 140 1.21 18.85 -6.52
CA THR D 140 1.62 18.10 -7.69
C THR D 140 0.44 17.28 -8.19
N LEU D 141 0.22 17.28 -9.49
CA LEU D 141 -0.84 16.50 -10.12
C LEU D 141 -0.22 15.51 -11.08
N HIS D 142 -0.67 14.26 -11.01
CA HIS D 142 -0.22 13.23 -11.93
C HIS D 142 -0.97 13.34 -13.25
N ARG D 143 -0.27 13.04 -14.34
CA ARG D 143 -0.81 13.18 -15.68
C ARG D 143 -1.21 11.83 -16.25
N TYR D 144 -2.36 11.79 -16.92
CA TYR D 144 -2.80 10.63 -17.67
C TYR D 144 -3.29 11.05 -19.05
N TYR E 7 -11.71 -10.89 -16.67
CA TYR E 7 -10.91 -12.10 -16.59
C TYR E 7 -11.42 -13.01 -15.47
N PRO E 8 -11.55 -14.31 -15.75
CA PRO E 8 -12.08 -15.22 -14.73
C PRO E 8 -11.13 -15.40 -13.57
N SER E 9 -11.69 -15.53 -12.37
CA SER E 9 -10.92 -15.80 -11.17
C SER E 9 -10.70 -17.31 -11.03
N LEU E 10 -10.01 -17.70 -9.96
CA LEU E 10 -9.68 -19.10 -9.75
C LEU E 10 -10.95 -19.93 -9.56
N SER E 11 -11.08 -20.99 -10.36
CA SER E 11 -12.21 -21.90 -10.28
C SER E 11 -11.84 -23.32 -9.90
N PHE E 12 -10.55 -23.66 -9.88
CA PHE E 12 -10.10 -24.97 -9.44
C PHE E 12 -8.64 -24.87 -9.03
N GLN E 13 -8.31 -25.50 -7.90
CA GLN E 13 -6.95 -25.50 -7.39
C GLN E 13 -6.72 -26.82 -6.66
N GLN E 14 -5.69 -27.56 -7.08
CA GLN E 14 -5.30 -28.79 -6.39
C GLN E 14 -3.81 -28.98 -6.64
N ASP E 15 -3.02 -28.86 -5.57
CA ASP E 15 -1.57 -29.04 -5.66
C ASP E 15 -0.97 -28.00 -6.60
N TYR E 16 -0.44 -28.42 -7.74
CA TYR E 16 0.23 -27.53 -8.69
C TYR E 16 -0.70 -26.97 -9.75
N VAL E 17 -1.97 -27.39 -9.78
CA VAL E 17 -2.89 -27.02 -10.85
C VAL E 17 -3.68 -25.79 -10.41
N TYR E 18 -3.74 -24.79 -11.27
CA TYR E 18 -4.56 -23.60 -11.08
C TYR E 18 -5.34 -23.36 -12.37
N ILE E 19 -6.67 -23.39 -12.28
CA ILE E 19 -7.52 -23.18 -13.44
C ILE E 19 -8.38 -21.94 -13.20
N PHE E 20 -8.47 -21.10 -14.23
CA PHE E 20 -9.25 -19.86 -14.18
C PHE E 20 -10.32 -19.93 -15.27
N SER E 21 -11.58 -19.93 -14.85
CA SER E 21 -12.68 -20.04 -15.79
C SER E 21 -13.99 -19.71 -15.09
N SER E 22 -14.96 -19.26 -15.87
CA SER E 22 -16.31 -19.04 -15.36
C SER E 22 -17.13 -20.32 -15.33
N ASP E 23 -16.75 -21.32 -16.13
CA ASP E 23 -17.44 -22.61 -16.12
C ASP E 23 -16.85 -23.45 -15.01
N PHE E 24 -17.51 -23.44 -13.84
CA PHE E 24 -16.96 -24.11 -12.67
C PHE E 24 -16.98 -25.63 -12.83
N GLN E 25 -17.97 -26.18 -13.55
CA GLN E 25 -18.05 -27.62 -13.69
C GLN E 25 -17.01 -28.15 -14.67
N LEU E 26 -16.74 -27.40 -15.74
CA LEU E 26 -15.67 -27.78 -16.66
C LEU E 26 -14.31 -27.74 -15.97
N SER E 27 -14.08 -26.71 -15.15
CA SER E 27 -12.82 -26.62 -14.42
C SER E 27 -12.62 -27.82 -13.51
N GLU E 28 -13.67 -28.24 -12.80
CA GLU E 28 -13.57 -29.40 -11.93
C GLU E 28 -13.21 -30.65 -12.72
N GLU E 29 -13.95 -30.92 -13.80
CA GLU E 29 -13.70 -32.12 -14.59
C GLU E 29 -12.30 -32.08 -15.21
N LEU E 30 -11.92 -30.93 -15.77
CA LEU E 30 -10.57 -30.80 -16.33
C LEU E 30 -9.51 -30.94 -15.24
N GLY E 31 -9.71 -30.29 -14.11
CA GLY E 31 -8.76 -30.34 -13.02
C GLY E 31 -8.41 -31.75 -12.60
N VAL E 32 -9.41 -32.55 -12.23
CA VAL E 32 -9.15 -33.92 -11.80
C VAL E 32 -8.57 -34.74 -12.95
N ALA E 33 -8.99 -34.45 -14.19
CA ALA E 33 -8.46 -35.17 -15.34
C ALA E 33 -6.96 -34.92 -15.50
N LEU E 34 -6.52 -33.68 -15.24
CA LEU E 34 -5.10 -33.36 -15.36
C LEU E 34 -4.30 -33.97 -14.22
N ILE E 35 -4.82 -33.90 -13.00
CA ILE E 35 -4.14 -34.53 -11.87
C ILE E 35 -3.89 -36.01 -12.14
N ASN E 36 -4.94 -36.72 -12.56
CA ASN E 36 -4.83 -38.16 -12.80
C ASN E 36 -3.91 -38.45 -13.99
N ALA E 37 -4.17 -37.81 -15.13
CA ALA E 37 -3.39 -38.09 -16.33
C ALA E 37 -1.91 -37.79 -16.10
N LEU E 38 -1.61 -36.69 -15.41
CA LEU E 38 -0.21 -36.32 -15.19
C LEU E 38 0.45 -37.22 -14.15
N SER E 39 -0.29 -37.60 -13.10
CA SER E 39 0.26 -38.51 -12.11
C SER E 39 0.48 -39.90 -12.69
N ALA E 40 -0.39 -40.33 -13.62
CA ALA E 40 -0.22 -41.64 -14.25
C ALA E 40 1.02 -41.69 -15.13
N LYS E 41 1.56 -40.54 -15.53
CA LYS E 41 2.83 -40.47 -16.25
C LYS E 41 3.92 -39.83 -15.39
N GLU E 42 3.70 -39.78 -14.08
CA GLU E 42 4.57 -39.07 -13.14
C GLU E 42 5.17 -37.81 -13.75
N ILE E 43 4.32 -36.90 -14.20
CA ILE E 43 4.71 -35.55 -14.57
C ILE E 43 4.33 -34.64 -13.42
N VAL E 44 5.32 -34.01 -12.79
CA VAL E 44 5.10 -33.19 -11.61
C VAL E 44 5.50 -31.75 -11.91
N PRO E 45 4.61 -30.93 -12.46
CA PRO E 45 4.97 -29.53 -12.69
C PRO E 45 5.19 -28.78 -11.39
N GLU E 46 6.01 -27.74 -11.46
CA GLU E 46 6.03 -26.74 -10.40
C GLU E 46 4.67 -26.07 -10.29
N ARG E 47 4.17 -25.54 -11.41
CA ARG E 47 2.83 -24.98 -11.49
C ARG E 47 2.28 -25.23 -12.89
N LEU E 48 0.97 -25.39 -12.97
CA LEU E 48 0.27 -25.52 -14.25
C LEU E 48 -0.95 -24.61 -14.20
N TYR E 49 -0.85 -23.47 -14.88
CA TYR E 49 -1.95 -22.52 -14.97
C TYR E 49 -2.74 -22.77 -16.24
N VAL E 50 -4.07 -22.75 -16.13
CA VAL E 50 -4.96 -22.97 -17.26
C VAL E 50 -6.06 -21.93 -17.22
N MET E 51 -6.39 -21.37 -18.38
CA MET E 51 -7.43 -20.36 -18.51
C MET E 51 -8.39 -20.80 -19.60
N LEU E 52 -9.69 -20.83 -19.27
CA LEU E 52 -10.72 -21.24 -20.21
C LEU E 52 -11.67 -20.06 -20.42
N ASN E 53 -11.66 -19.51 -21.64
CA ASN E 53 -12.65 -18.56 -22.07
C ASN E 53 -13.65 -19.27 -22.97
N ASP E 54 -14.47 -18.50 -23.69
CA ASP E 54 -15.46 -19.11 -24.57
C ASP E 54 -14.79 -19.71 -25.80
N LYS E 55 -13.92 -18.93 -26.46
CA LYS E 55 -13.31 -19.36 -27.72
C LYS E 55 -11.85 -19.78 -27.58
N THR E 56 -11.17 -19.38 -26.51
CA THR E 56 -9.73 -19.57 -26.42
C THR E 56 -9.36 -20.32 -25.15
N ILE E 57 -8.57 -21.37 -25.30
CA ILE E 57 -7.96 -22.10 -24.19
C ILE E 57 -6.48 -21.74 -24.16
N SER E 58 -5.95 -21.55 -22.95
CA SER E 58 -4.54 -21.21 -22.79
C SER E 58 -4.03 -21.80 -21.49
N PHE E 59 -2.74 -22.13 -21.47
CA PHE E 59 -2.12 -22.65 -20.26
C PHE E 59 -0.65 -22.25 -20.24
N SER E 60 -0.09 -22.21 -19.03
CA SER E 60 1.33 -21.96 -18.81
C SER E 60 1.86 -23.04 -17.89
N PHE E 61 2.76 -23.87 -18.40
CA PHE E 61 3.37 -24.95 -17.64
C PHE E 61 4.74 -24.51 -17.16
N ILE E 62 4.90 -24.40 -15.84
CA ILE E 62 6.16 -24.01 -15.23
C ILE E 62 6.83 -25.28 -14.71
N SER E 63 7.95 -25.65 -15.31
CA SER E 63 8.63 -26.88 -14.97
C SER E 63 9.34 -26.77 -13.63
N LYS E 64 9.68 -27.93 -13.08
CA LYS E 64 10.46 -27.98 -11.85
C LYS E 64 11.73 -27.14 -11.94
N ASN E 65 12.24 -26.91 -13.16
CA ASN E 65 13.45 -26.15 -13.37
C ASN E 65 13.18 -24.68 -13.71
N LYS E 66 11.98 -24.19 -13.40
CA LYS E 66 11.62 -22.78 -13.52
C LYS E 66 11.56 -22.28 -14.97
N LYS E 67 11.55 -23.18 -15.95
CA LYS E 67 11.36 -22.82 -17.34
C LYS E 67 9.91 -23.08 -17.74
N SER E 68 9.34 -22.17 -18.52
CA SER E 68 7.91 -22.14 -18.78
C SER E 68 7.60 -22.59 -20.19
N LYS E 69 6.38 -23.13 -20.37
CA LYS E 69 5.85 -23.48 -21.68
C LYS E 69 4.45 -22.88 -21.78
N ASN E 70 4.22 -22.06 -22.80
CA ASN E 70 2.99 -21.30 -22.94
C ASN E 70 2.31 -21.65 -24.26
N ARG E 71 0.99 -21.90 -24.19
CA ARG E 71 0.25 -22.32 -25.37
C ARG E 71 -1.13 -21.68 -25.35
N VAL E 72 -1.69 -21.50 -26.55
CA VAL E 72 -3.04 -21.00 -26.73
C VAL E 72 -3.71 -21.84 -27.80
N LEU E 73 -4.97 -22.19 -27.57
CA LEU E 73 -5.75 -23.01 -28.49
C LEU E 73 -7.11 -22.38 -28.68
N SER E 74 -7.42 -21.98 -29.90
CA SER E 74 -8.72 -21.44 -30.26
C SER E 74 -9.56 -22.53 -30.91
N THR E 75 -10.76 -22.74 -30.40
CA THR E 75 -11.62 -23.83 -30.85
C THR E 75 -12.95 -23.28 -31.33
N GLU E 76 -13.47 -23.88 -32.41
CA GLU E 76 -14.77 -23.50 -32.93
C GLU E 76 -15.89 -23.97 -32.01
N LYS E 77 -15.93 -25.27 -31.73
CA LYS E 77 -16.90 -25.83 -30.80
C LYS E 77 -16.30 -25.91 -29.40
N LYS E 78 -17.16 -25.77 -28.41
CA LYS E 78 -16.73 -25.88 -27.01
C LYS E 78 -16.27 -27.30 -26.74
N LEU E 79 -14.98 -27.48 -26.46
CA LEU E 79 -14.43 -28.79 -26.22
C LEU E 79 -14.77 -29.28 -24.81
N ASN E 80 -14.81 -30.60 -24.66
CA ASN E 80 -15.05 -31.21 -23.36
C ASN E 80 -13.74 -31.33 -22.59
N TYR E 81 -13.87 -31.68 -21.30
CA TYR E 81 -12.71 -31.66 -20.41
C TYR E 81 -11.64 -32.65 -20.87
N LYS E 82 -12.04 -33.81 -21.39
CA LYS E 82 -11.07 -34.85 -21.70
C LYS E 82 -10.21 -34.47 -22.90
N HIS E 83 -10.81 -33.83 -23.91
CA HIS E 83 -10.01 -33.38 -25.05
C HIS E 83 -9.04 -32.28 -24.62
N ILE E 84 -9.50 -31.34 -23.80
CA ILE E 84 -8.62 -30.29 -23.30
C ILE E 84 -7.49 -30.90 -22.48
N SER E 85 -7.83 -31.84 -21.59
CA SER E 85 -6.82 -32.49 -20.77
C SER E 85 -5.79 -33.20 -21.64
N GLU E 86 -6.25 -33.99 -22.60
CA GLU E 86 -5.31 -34.71 -23.47
C GLU E 86 -4.40 -33.75 -24.21
N TYR E 87 -4.94 -32.64 -24.70
CA TYR E 87 -4.12 -31.66 -25.41
C TYR E 87 -3.03 -31.10 -24.51
N ILE E 88 -3.39 -30.74 -23.27
CA ILE E 88 -2.40 -30.16 -22.36
C ILE E 88 -1.33 -31.20 -22.01
N VAL E 89 -1.74 -32.45 -21.75
CA VAL E 89 -0.78 -33.49 -21.40
C VAL E 89 0.17 -33.75 -22.56
N ASN E 90 -0.37 -33.81 -23.78
CA ASN E 90 0.48 -34.02 -24.95
C ASN E 90 1.52 -32.92 -25.08
N GLU E 91 1.15 -31.68 -24.73
CA GLU E 91 2.04 -30.54 -24.93
C GLU E 91 3.16 -30.45 -23.92
N ILE E 92 3.01 -31.03 -22.73
CA ILE E 92 3.98 -30.86 -21.66
C ILE E 92 4.69 -32.15 -21.27
N GLU E 93 4.26 -33.31 -21.77
CA GLU E 93 4.86 -34.57 -21.34
C GLU E 93 6.18 -34.87 -22.03
N TYR E 94 6.50 -34.17 -23.12
CA TYR E 94 7.80 -34.31 -23.77
C TYR E 94 8.16 -33.02 -24.52
N PRO F 14 15.17 2.68 -12.67
CA PRO F 14 15.42 1.29 -13.08
C PRO F 14 14.36 0.76 -14.03
N VAL F 15 14.78 0.05 -15.07
CA VAL F 15 13.88 -0.52 -16.05
C VAL F 15 13.74 -2.00 -15.77
N HIS F 16 12.50 -2.50 -15.87
CA HIS F 16 12.23 -3.92 -15.69
C HIS F 16 11.86 -4.53 -17.04
N PHE F 17 12.50 -5.65 -17.37
CA PHE F 17 12.32 -6.32 -18.66
C PHE F 17 11.58 -7.63 -18.45
N TYR F 18 10.58 -7.88 -19.30
CA TYR F 18 9.79 -9.10 -19.26
C TYR F 18 9.83 -9.74 -20.64
N GLU F 19 10.04 -11.05 -20.69
CA GLU F 19 10.11 -11.77 -21.95
C GLU F 19 9.45 -13.13 -21.80
N THR F 20 8.81 -13.57 -22.89
CA THR F 20 8.26 -14.92 -22.95
C THR F 20 7.98 -15.24 -24.41
N SER F 21 7.49 -16.45 -24.64
CA SER F 21 7.07 -16.88 -25.96
C SER F 21 5.97 -17.91 -25.80
N TYR F 22 5.16 -18.05 -26.84
CA TYR F 22 4.06 -19.00 -26.82
C TYR F 22 3.73 -19.39 -28.26
N LYS F 23 2.94 -20.44 -28.41
CA LYS F 23 2.45 -20.88 -29.70
C LYS F 23 0.93 -20.89 -29.67
N TYR F 24 0.33 -20.36 -30.74
CA TYR F 24 -1.11 -20.31 -30.90
C TYR F 24 -1.51 -21.26 -32.01
N GLN F 25 -2.64 -21.94 -31.82
CA GLN F 25 -3.14 -22.88 -32.81
C GLN F 25 -4.66 -22.80 -32.86
N ALA F 26 -5.21 -22.81 -34.06
CA ALA F 26 -6.65 -22.87 -34.26
C ALA F 26 -7.05 -24.34 -34.36
N ALA F 27 -7.78 -24.83 -33.36
CA ALA F 27 -8.24 -26.22 -33.37
C ALA F 27 -9.10 -26.52 -34.59
N ASP F 28 -9.69 -25.50 -35.21
CA ASP F 28 -10.55 -25.70 -36.36
C ASP F 28 -9.79 -25.78 -37.68
N SER F 29 -8.59 -25.21 -37.75
CA SER F 29 -7.84 -25.17 -39.00
C SER F 29 -6.38 -25.55 -38.78
N THR F 30 -5.56 -25.38 -39.82
CA THR F 30 -4.13 -25.59 -39.74
C THR F 30 -3.37 -24.32 -39.40
N TYR F 31 -4.07 -23.19 -39.27
CA TYR F 31 -3.40 -21.93 -38.96
C TYR F 31 -2.75 -21.99 -37.58
N MET F 32 -1.54 -21.45 -37.50
CA MET F 32 -0.85 -21.32 -36.22
C MET F 32 0.21 -20.24 -36.37
N HIS F 33 0.74 -19.80 -35.23
CA HIS F 33 1.88 -18.89 -35.28
C HIS F 33 2.60 -18.92 -33.94
N ASP F 34 3.92 -18.74 -34.01
CA ASP F 34 4.77 -18.62 -32.83
C ASP F 34 4.98 -17.15 -32.53
N VAL F 35 4.97 -16.81 -31.24
CA VAL F 35 5.00 -15.42 -30.81
C VAL F 35 6.06 -15.26 -29.73
N ALA F 36 6.89 -14.22 -29.87
CA ALA F 36 7.83 -13.80 -28.83
C ALA F 36 7.43 -12.42 -28.35
N ILE F 37 7.42 -12.23 -27.04
CA ILE F 37 6.99 -10.99 -26.41
C ILE F 37 8.14 -10.44 -25.60
N ASN F 38 8.44 -9.15 -25.79
CA ASN F 38 9.32 -8.41 -24.92
C ASN F 38 8.59 -7.17 -24.42
N VAL F 39 8.61 -6.97 -23.11
CA VAL F 39 7.98 -5.80 -22.48
C VAL F 39 8.98 -5.17 -21.54
N SER F 40 9.13 -3.85 -21.63
CA SER F 40 10.01 -3.08 -20.77
C SER F 40 9.17 -2.04 -20.05
N ILE F 41 9.36 -1.91 -18.74
CA ILE F 41 8.58 -1.00 -17.90
C ILE F 41 9.54 -0.17 -17.07
N LYS F 42 9.32 1.15 -17.09
CA LYS F 42 10.02 2.08 -16.21
C LYS F 42 8.97 3.01 -15.60
N GLY F 43 8.77 2.89 -14.30
CA GLY F 43 7.74 3.68 -13.65
C GLY F 43 6.38 3.41 -14.27
N ASN F 44 5.78 4.45 -14.85
CA ASN F 44 4.47 4.35 -15.46
C ASN F 44 4.52 4.19 -16.97
N HIS F 45 5.71 4.11 -17.56
CA HIS F 45 5.88 3.98 -18.99
C HIS F 45 6.27 2.56 -19.36
N PHE F 46 5.86 2.13 -20.55
CA PHE F 46 6.18 0.79 -21.02
C PHE F 46 6.45 0.82 -22.52
N THR F 47 7.24 -0.15 -22.97
CA THR F 47 7.40 -0.44 -24.39
C THR F 47 7.14 -1.93 -24.58
N SER F 48 6.83 -2.30 -25.82
CA SER F 48 6.52 -3.69 -26.13
C SER F 48 6.95 -4.01 -27.56
N ASP F 49 7.53 -5.19 -27.74
CA ASP F 49 7.97 -5.66 -29.05
C ASP F 49 7.49 -7.10 -29.20
N ILE F 50 6.57 -7.32 -30.13
CA ILE F 50 5.96 -8.64 -30.36
C ILE F 50 6.39 -9.11 -31.74
N ILE F 51 7.02 -10.28 -31.79
CA ILE F 51 7.47 -10.88 -33.04
C ILE F 51 6.65 -12.14 -33.26
N ILE F 52 5.93 -12.19 -34.38
CA ILE F 52 5.04 -13.30 -34.71
C ILE F 52 5.56 -13.99 -35.97
N ARG F 53 5.52 -15.32 -35.96
CA ARG F 53 5.89 -16.14 -37.11
C ARG F 53 4.68 -16.98 -37.49
N GLU F 54 4.08 -16.67 -38.64
CA GLU F 54 2.93 -17.41 -39.14
C GLU F 54 3.37 -18.62 -39.94
N LEU F 55 2.71 -19.75 -39.72
CA LEU F 55 2.98 -20.98 -40.45
C LEU F 55 1.65 -21.55 -40.92
N VAL F 56 1.41 -21.49 -42.22
CA VAL F 56 0.15 -21.96 -42.80
C VAL F 56 0.44 -23.00 -43.86
N LYS F 61 5.29 -18.68 -44.95
CA LYS F 61 5.89 -18.38 -43.65
C LYS F 61 6.05 -16.87 -43.47
N ASN F 62 4.97 -16.21 -43.04
CA ASN F 62 4.95 -14.77 -42.85
C ASN F 62 5.48 -14.40 -41.47
N TYR F 63 6.07 -13.21 -41.39
CA TYR F 63 6.53 -12.64 -40.13
C TYR F 63 5.82 -11.32 -39.88
N TYR F 64 5.56 -11.03 -38.61
CA TYR F 64 4.96 -9.77 -38.21
C TYR F 64 5.69 -9.25 -36.98
N ASN F 65 5.95 -7.94 -36.98
CA ASN F 65 6.62 -7.28 -35.87
C ASN F 65 5.75 -6.12 -35.41
N VAL F 66 5.31 -6.17 -34.15
CA VAL F 66 4.41 -5.18 -33.58
C VAL F 66 5.17 -4.42 -32.50
N ILE F 67 5.33 -3.12 -32.69
CA ILE F 67 6.05 -2.25 -31.76
C ILE F 67 5.06 -1.28 -31.15
N GLY F 68 5.09 -1.16 -29.82
CA GLY F 68 4.18 -0.26 -29.15
C GLY F 68 4.80 0.31 -27.89
N HIS F 69 4.25 1.44 -27.45
CA HIS F 69 4.68 2.08 -26.23
C HIS F 69 3.51 2.89 -25.67
N GLY F 70 3.60 3.22 -24.39
CA GLY F 70 2.54 3.99 -23.75
C GLY F 70 2.67 3.96 -22.25
N ASP F 71 1.52 4.02 -21.59
CA ASP F 71 1.45 4.12 -20.13
C ASP F 71 0.85 2.85 -19.55
N ILE F 72 1.43 2.38 -18.45
CA ILE F 72 0.88 1.28 -17.65
C ILE F 72 0.34 1.88 -16.37
N ILE F 73 -0.95 1.69 -16.13
CA ILE F 73 -1.65 2.27 -14.98
C ILE F 73 -2.06 1.13 -14.05
N GLN F 74 -1.82 1.31 -12.76
CA GLN F 74 -2.12 0.30 -11.77
C GLN F 74 -3.43 0.64 -11.07
N LYS F 75 -4.40 -0.29 -11.14
CA LYS F 75 -5.64 -0.14 -10.38
C LYS F 75 -5.45 -0.59 -8.94
N ASN F 76 -4.72 -1.69 -8.73
CA ASN F 76 -4.43 -2.20 -7.41
C ASN F 76 -3.22 -3.11 -7.51
N THR F 77 -2.93 -3.84 -6.43
CA THR F 77 -1.73 -4.67 -6.39
C THR F 77 -1.70 -5.69 -7.53
N HIS F 78 -2.86 -6.11 -8.03
CA HIS F 78 -2.92 -7.19 -9.01
C HIS F 78 -3.44 -6.78 -10.37
N GLN F 79 -4.06 -5.60 -10.52
CA GLN F 79 -4.71 -5.21 -11.76
C GLN F 79 -4.05 -3.98 -12.35
N TYR F 80 -3.72 -4.05 -13.63
CA TYR F 80 -3.14 -2.94 -14.39
C TYR F 80 -3.87 -2.83 -15.72
N TYR F 81 -3.63 -1.72 -16.42
CA TYR F 81 -4.06 -1.64 -17.81
C TYR F 81 -3.11 -0.75 -18.59
N LEU F 82 -3.01 -1.02 -19.88
CA LEU F 82 -2.06 -0.36 -20.77
C LEU F 82 -2.79 0.61 -21.69
N ASN F 83 -2.34 1.87 -21.70
CA ASN F 83 -2.78 2.87 -22.66
C ASN F 83 -1.65 3.07 -23.67
N PHE F 84 -1.92 2.71 -24.92
CA PHE F 84 -0.90 2.80 -25.97
C PHE F 84 -0.90 4.19 -26.57
N ASP F 85 0.29 4.80 -26.63
CA ASP F 85 0.45 6.04 -27.39
C ASP F 85 0.44 5.77 -28.89
N ASN F 86 0.96 4.62 -29.31
CA ASN F 86 0.96 4.24 -30.72
C ASN F 86 1.45 2.80 -30.82
N ILE F 87 1.04 2.15 -31.91
CA ILE F 87 1.52 0.81 -32.25
C ILE F 87 1.83 0.78 -33.74
N ASP F 88 3.01 0.28 -34.09
CA ASP F 88 3.42 0.10 -35.48
C ASP F 88 3.54 -1.39 -35.78
N VAL F 89 3.09 -1.78 -36.97
CA VAL F 89 3.18 -3.16 -37.42
C VAL F 89 4.08 -3.22 -38.64
N TYR F 90 4.93 -4.25 -38.68
CA TYR F 90 5.79 -4.52 -39.83
C TYR F 90 5.59 -5.96 -40.25
N THR F 91 5.61 -6.20 -41.57
CA THR F 91 5.50 -7.55 -42.11
C THR F 91 6.64 -7.79 -43.09
N GLY F 92 6.99 -9.06 -43.25
CA GLY F 92 8.04 -9.41 -44.19
C GLY F 92 8.25 -10.91 -44.22
N THR F 93 9.19 -11.31 -45.07
CA THR F 93 9.58 -12.71 -45.20
C THR F 93 10.83 -13.07 -44.43
N ASN F 94 11.66 -12.09 -44.09
CA ASN F 94 12.90 -12.33 -43.35
C ASN F 94 13.38 -11.01 -42.78
N LYS F 95 14.55 -11.05 -42.14
CA LYS F 95 15.09 -9.87 -41.46
C LYS F 95 15.10 -8.65 -42.37
N ALA F 96 15.74 -8.78 -43.53
CA ALA F 96 15.94 -7.64 -44.44
C ALA F 96 14.76 -7.43 -45.39
N ASN F 97 13.56 -7.87 -45.03
CA ASN F 97 12.37 -7.61 -45.82
C ASN F 97 11.29 -6.84 -45.06
N MET F 98 11.47 -6.60 -43.76
CA MET F 98 10.41 -5.99 -42.98
C MET F 98 10.02 -4.64 -43.55
N LYS F 99 8.72 -4.44 -43.75
CA LYS F 99 8.17 -3.19 -44.25
C LYS F 99 6.92 -2.85 -43.45
N PRO F 100 6.60 -1.56 -43.35
CA PRO F 100 5.35 -1.17 -42.68
C PRO F 100 4.14 -1.93 -43.23
N TYR F 101 3.19 -2.21 -42.35
CA TYR F 101 1.98 -2.93 -42.69
C TYR F 101 0.78 -2.13 -42.20
N LYS F 102 -0.20 -1.94 -43.07
CA LYS F 102 -1.36 -1.12 -42.74
C LYS F 102 -1.99 -1.61 -41.43
N GLU F 103 -2.30 -0.66 -40.55
CA GLU F 103 -2.82 -0.96 -39.22
C GLU F 103 -4.05 -1.84 -39.31
N PRO F 104 -3.99 -3.09 -38.87
CA PRO F 104 -5.18 -3.95 -38.91
C PRO F 104 -6.18 -3.54 -37.83
N THR F 105 -7.39 -4.11 -37.97
CA THR F 105 -8.49 -3.75 -37.07
C THR F 105 -8.14 -4.09 -35.62
N SER F 106 -7.52 -5.25 -35.39
CA SER F 106 -7.23 -5.66 -34.01
C SER F 106 -6.27 -4.70 -33.32
N ILE F 107 -5.37 -4.06 -34.07
CA ILE F 107 -4.44 -3.11 -33.48
C ILE F 107 -5.14 -1.80 -33.16
N SER F 108 -5.99 -1.32 -34.08
CA SER F 108 -6.74 -0.08 -33.82
C SER F 108 -7.55 -0.19 -32.52
N SER F 109 -8.07 -1.38 -32.23
CA SER F 109 -8.86 -1.55 -31.00
C SER F 109 -7.99 -1.34 -29.76
N LEU F 110 -6.73 -1.78 -29.82
CA LEU F 110 -5.85 -1.63 -28.67
C LEU F 110 -5.50 -0.17 -28.42
N ILE F 111 -5.32 0.61 -29.49
CA ILE F 111 -4.96 2.02 -29.34
C ILE F 111 -6.09 2.78 -28.65
N ASN F 112 -7.34 2.40 -28.92
CA ASN F 112 -8.49 3.19 -28.52
C ASN F 112 -9.01 2.83 -27.13
N LYS F 113 -8.61 1.70 -26.56
CA LYS F 113 -9.12 1.26 -25.28
C LYS F 113 -7.99 1.05 -24.30
N SER F 114 -8.35 0.98 -23.02
CA SER F 114 -7.44 0.58 -21.97
C SER F 114 -7.42 -0.93 -21.88
N ASN F 115 -6.22 -1.52 -21.92
CA ASN F 115 -6.05 -2.96 -22.07
C ASN F 115 -5.63 -3.54 -20.73
N ASN F 116 -6.49 -4.35 -20.13
CA ASN F 116 -6.34 -4.78 -18.75
C ASN F 116 -5.38 -5.95 -18.62
N ILE F 117 -4.60 -5.94 -17.53
CA ILE F 117 -3.72 -7.04 -17.16
C ILE F 117 -4.05 -7.44 -15.72
N ARG F 118 -4.08 -8.75 -15.48
CA ARG F 118 -4.37 -9.30 -14.16
C ARG F 118 -3.19 -10.16 -13.73
N VAL F 119 -2.47 -9.71 -12.70
CA VAL F 119 -1.37 -10.49 -12.15
C VAL F 119 -1.94 -11.52 -11.20
N VAL F 120 -1.74 -12.80 -11.50
CA VAL F 120 -2.20 -13.88 -10.64
C VAL F 120 -1.07 -14.47 -9.80
N TYR F 121 0.19 -14.24 -10.16
CA TYR F 121 1.32 -14.71 -9.37
C TYR F 121 2.54 -13.89 -9.73
N LEU F 122 3.31 -13.50 -8.71
CA LEU F 122 4.48 -12.66 -8.88
C LEU F 122 5.65 -13.21 -8.08
N SER F 123 6.84 -13.07 -8.64
CA SER F 123 8.08 -13.42 -7.96
C SER F 123 9.20 -12.60 -8.60
N GLU F 124 10.41 -12.79 -8.11
CA GLU F 124 11.56 -12.07 -8.66
C GLU F 124 12.06 -12.67 -9.96
N GLU F 125 11.71 -13.93 -10.25
CA GLU F 125 12.12 -14.58 -11.48
C GLU F 125 11.08 -14.51 -12.59
N TYR F 126 9.80 -14.58 -12.27
CA TYR F 126 8.77 -14.59 -13.30
C TYR F 126 7.47 -14.04 -12.74
N VAL F 127 6.54 -13.76 -13.65
CA VAL F 127 5.21 -13.26 -13.32
C VAL F 127 4.20 -13.99 -14.18
N VAL F 128 3.06 -14.33 -13.59
CA VAL F 128 1.97 -15.01 -14.29
C VAL F 128 0.80 -14.03 -14.37
N VAL F 129 0.30 -13.79 -15.58
CA VAL F 129 -0.73 -12.79 -15.81
C VAL F 129 -1.81 -13.34 -16.71
N GLU F 130 -3.04 -12.86 -16.48
CA GLU F 130 -4.09 -12.90 -17.50
C GLU F 130 -4.06 -11.56 -18.23
N PHE F 131 -4.05 -11.62 -19.56
CA PHE F 131 -4.01 -10.39 -20.36
C PHE F 131 -4.90 -10.57 -21.58
N PHE F 132 -4.82 -9.61 -22.49
CA PHE F 132 -5.92 -9.30 -23.40
C PHE F 132 -5.81 -9.93 -24.77
N PHE F 133 -4.74 -10.68 -25.07
CA PHE F 133 -4.65 -11.34 -26.36
C PHE F 133 -5.76 -12.37 -26.51
N TYR F 134 -6.33 -12.44 -27.71
CA TYR F 134 -7.33 -13.46 -28.07
C TYR F 134 -8.51 -13.45 -27.10
N ASP F 135 -8.94 -12.27 -26.66
CA ASP F 135 -10.06 -12.13 -25.73
C ASP F 135 -9.76 -12.73 -24.36
N GLY F 136 -8.51 -13.07 -24.07
CA GLY F 136 -8.16 -13.62 -22.78
C GLY F 136 -7.13 -14.73 -22.86
N GLN F 137 -5.99 -14.55 -22.21
CA GLN F 137 -4.90 -15.51 -22.27
C GLN F 137 -4.12 -15.44 -20.98
N ILE F 138 -3.72 -16.61 -20.47
CA ILE F 138 -2.84 -16.69 -19.30
C ILE F 138 -1.46 -17.08 -19.80
N ILE F 139 -0.41 -16.52 -19.18
CA ILE F 139 0.95 -16.70 -19.67
C ILE F 139 1.91 -16.38 -18.53
N THR F 140 3.08 -17.00 -18.58
CA THR F 140 4.18 -16.69 -17.66
C THR F 140 5.24 -15.91 -18.41
N LEU F 141 5.73 -14.85 -17.78
CA LEU F 141 6.84 -14.06 -18.33
C LEU F 141 8.01 -14.10 -17.37
N HIS F 142 9.22 -14.22 -17.92
CA HIS F 142 10.44 -14.21 -17.14
C HIS F 142 10.92 -12.78 -16.98
N ARG F 143 11.29 -12.43 -15.76
CA ARG F 143 11.80 -11.09 -15.48
C ARG F 143 13.28 -11.02 -15.85
N TYR F 144 13.63 -10.07 -16.71
CA TYR F 144 14.98 -9.96 -17.25
C TYR F 144 15.33 -11.19 -18.06
#